data_3VNK
#
_entry.id   3VNK
#
_cell.length_a   80.040
_cell.length_b   115.209
_cell.length_c   91.375
_cell.angle_alpha   90.00
_cell.angle_beta   105.08
_cell.angle_gamma   90.00
#
_symmetry.space_group_name_H-M   'P 1 21 1'
#
loop_
_entity.id
_entity.type
_entity.pdbx_description
1 polymer 'Xylose isomerase domain protein TIM barrel'
2 non-polymer D-fructose
3 non-polymer 'MANGANESE (II) ION'
4 water water
#
_entity_poly.entity_id   1
_entity_poly.type   'polypeptide(L)'
_entity_poly.pdbx_seq_one_letter_code
;MKHGIYYAYWEQEWEADYKYYIEKVAKLGFDILEIAASPLPFYSDIQINELKACAHGNGITLTVGHGPSAEQNLSSPDPD
IRKNAKAFYTDLLKRLYKLDVHLIGGALYSYWPIDYTKTIDKKGDWERSVESVREVAKVAEACGVDFCLEVLNRFENYLI
NTAQEGVDFVKQVDHNNVKVMLDTFHMNIEEDSIGGAIRTAGSYLGHLHTGECNRKVPGRGRIPWVEIGEALADIGYNGS
VVMEPFVRMGGTVGSNIKVWRDISNGADEKMLDREAQAALDFSRYVLECHKHS
;
_entity_poly.pdbx_strand_id   A,B,C,D
#
# COMPACT_ATOMS: atom_id res chain seq x y z
N MET A 1 23.83 4.10 -7.01
CA MET A 1 23.85 2.62 -6.83
C MET A 1 24.20 1.84 -8.11
N LYS A 2 24.70 0.61 -7.96
CA LYS A 2 25.05 -0.25 -9.10
C LYS A 2 23.98 -1.33 -9.12
N HIS A 3 23.41 -1.58 -10.29
CA HIS A 3 22.36 -2.55 -10.41
C HIS A 3 22.78 -3.82 -11.13
N GLY A 4 22.42 -4.97 -10.56
CA GLY A 4 22.75 -6.22 -11.20
C GLY A 4 21.61 -7.23 -11.24
N ILE A 5 21.88 -8.40 -11.81
CA ILE A 5 20.89 -9.47 -11.85
C ILE A 5 21.66 -10.78 -11.70
N TYR A 6 21.07 -11.71 -10.99
CA TYR A 6 21.65 -13.04 -10.75
C TYR A 6 21.43 -13.87 -12.04
N TYR A 7 22.48 -14.55 -12.52
CA TYR A 7 22.41 -15.28 -13.77
C TYR A 7 21.36 -16.37 -13.68
N ALA A 8 21.13 -16.90 -12.48
CA ALA A 8 20.17 -17.98 -12.35
C ALA A 8 18.72 -17.69 -12.81
N TYR A 9 18.43 -16.44 -13.13
CA TYR A 9 17.13 -16.05 -13.68
C TYR A 9 16.93 -16.81 -15.02
N TRP A 10 18.05 -17.18 -15.64
CA TRP A 10 18.00 -17.86 -16.93
C TRP A 10 18.38 -19.32 -16.89
N GLU A 11 18.73 -19.84 -15.72
CA GLU A 11 19.26 -21.20 -15.65
C GLU A 11 18.73 -22.03 -14.52
N GLN A 12 18.75 -23.34 -14.71
CA GLN A 12 18.22 -24.22 -13.69
C GLN A 12 19.22 -24.94 -12.82
N GLU A 13 20.51 -24.64 -12.98
CA GLU A 13 21.52 -25.27 -12.11
C GLU A 13 22.39 -24.16 -11.53
N TRP A 14 23.09 -24.44 -10.44
CA TRP A 14 23.94 -23.40 -9.81
C TRP A 14 25.31 -23.26 -10.48
N GLU A 15 25.31 -23.19 -11.80
CA GLU A 15 26.53 -22.98 -12.57
C GLU A 15 26.07 -22.74 -13.98
N ALA A 16 26.88 -22.11 -14.80
CA ALA A 16 26.52 -21.87 -16.21
C ALA A 16 27.73 -21.22 -16.88
N ASP A 17 27.59 -20.91 -18.15
CA ASP A 17 28.63 -20.20 -18.90
C ASP A 17 28.47 -18.72 -18.53
N TYR A 18 29.14 -18.26 -17.47
CA TYR A 18 29.00 -16.88 -17.04
C TYR A 18 29.40 -15.85 -18.09
N LYS A 19 30.31 -16.20 -18.99
CA LYS A 19 30.68 -15.24 -20.01
C LYS A 19 29.52 -14.89 -20.92
N TYR A 20 28.69 -15.88 -21.22
CA TYR A 20 27.51 -15.67 -22.07
C TYR A 20 26.60 -14.64 -21.35
N TYR A 21 26.36 -14.84 -20.05
CA TYR A 21 25.52 -13.90 -19.27
C TYR A 21 26.10 -12.51 -19.06
N ILE A 22 27.43 -12.42 -19.03
CA ILE A 22 28.07 -11.12 -18.90
C ILE A 22 27.79 -10.33 -20.17
N GLU A 23 27.94 -11.00 -21.31
CA GLU A 23 27.67 -10.33 -22.59
C GLU A 23 26.20 -9.93 -22.64
N LYS A 24 25.32 -10.83 -22.22
CA LYS A 24 23.88 -10.50 -22.24
C LYS A 24 23.51 -9.28 -21.34
N VAL A 25 23.88 -9.29 -20.05
CA VAL A 25 23.48 -8.19 -19.18
C VAL A 25 24.14 -6.88 -19.52
N ALA A 26 25.30 -6.93 -20.15
CA ALA A 26 25.93 -5.70 -20.56
C ALA A 26 25.09 -5.08 -21.64
N LYS A 27 24.58 -5.88 -22.55
CA LYS A 27 23.72 -5.34 -23.61
C LYS A 27 22.40 -4.82 -23.05
N LEU A 28 21.91 -5.46 -21.97
CA LEU A 28 20.65 -5.03 -21.35
C LEU A 28 20.84 -3.78 -20.46
N GLY A 29 22.08 -3.36 -20.21
CA GLY A 29 22.32 -2.16 -19.43
C GLY A 29 22.66 -2.32 -17.95
N PHE A 30 22.80 -3.53 -17.46
CA PHE A 30 23.15 -3.78 -16.05
C PHE A 30 24.58 -3.38 -15.74
N ASP A 31 24.85 -3.12 -14.46
CA ASP A 31 26.22 -2.76 -14.05
C ASP A 31 26.89 -4.04 -13.53
N ILE A 32 26.05 -4.95 -13.03
CA ILE A 32 26.51 -6.16 -12.38
C ILE A 32 25.87 -7.48 -12.82
N LEU A 33 26.66 -8.54 -12.81
CA LEU A 33 26.08 -9.86 -13.01
C LEU A 33 26.49 -10.55 -11.73
N GLU A 34 25.56 -11.20 -11.02
CA GLU A 34 25.93 -11.97 -9.85
C GLU A 34 25.96 -13.40 -10.35
N ILE A 35 26.98 -14.15 -9.94
CA ILE A 35 27.18 -15.54 -10.32
C ILE A 35 27.21 -16.44 -9.10
N ALA A 36 26.87 -17.72 -9.27
CA ALA A 36 26.89 -18.68 -8.15
C ALA A 36 28.34 -19.12 -7.91
N ALA A 37 28.72 -19.34 -6.65
CA ALA A 37 30.11 -19.74 -6.35
C ALA A 37 30.45 -21.19 -6.66
N SER A 38 29.45 -22.09 -6.62
CA SER A 38 29.65 -23.53 -6.80
C SER A 38 30.70 -24.03 -7.80
N PRO A 39 30.67 -23.55 -9.06
CA PRO A 39 31.66 -24.03 -10.03
C PRO A 39 33.04 -23.40 -9.91
N LEU A 40 33.18 -22.28 -9.19
CA LEU A 40 34.47 -21.59 -9.15
C LEU A 40 35.67 -22.43 -8.63
N PRO A 41 35.46 -23.30 -7.65
CA PRO A 41 36.61 -24.10 -7.17
C PRO A 41 37.18 -25.05 -8.27
N PHE A 42 36.45 -25.22 -9.38
CA PHE A 42 36.89 -26.07 -10.48
C PHE A 42 37.34 -25.28 -11.69
N TYR A 43 37.64 -24.00 -11.48
CA TYR A 43 38.11 -23.16 -12.57
C TYR A 43 39.66 -23.17 -12.55
N SER A 44 40.28 -23.40 -13.70
CA SER A 44 41.73 -23.35 -13.76
C SER A 44 42.10 -21.85 -13.79
N ASP A 45 43.38 -21.51 -13.58
CA ASP A 45 43.78 -20.10 -13.57
C ASP A 45 43.42 -19.38 -14.85
N ILE A 46 43.58 -20.04 -15.99
CA ILE A 46 43.29 -19.37 -17.25
C ILE A 46 41.75 -19.18 -17.35
N GLN A 47 40.96 -20.09 -16.79
CA GLN A 47 39.50 -19.91 -16.82
C GLN A 47 39.11 -18.71 -15.94
N ILE A 48 39.75 -18.55 -14.80
CA ILE A 48 39.44 -17.40 -13.96
C ILE A 48 39.83 -16.14 -14.72
N ASN A 49 41.02 -16.11 -15.31
CA ASN A 49 41.44 -14.93 -16.04
C ASN A 49 40.56 -14.55 -17.24
N GLU A 50 40.04 -15.54 -17.94
CA GLU A 50 39.15 -15.27 -19.05
C GLU A 50 37.82 -14.68 -18.53
N LEU A 51 37.29 -15.24 -17.46
CA LEU A 51 36.04 -14.71 -16.90
C LEU A 51 36.27 -13.27 -16.48
N LYS A 52 37.33 -13.03 -15.70
CA LYS A 52 37.64 -11.65 -15.30
C LYS A 52 37.80 -10.70 -16.50
N ALA A 53 38.53 -11.14 -17.50
CA ALA A 53 38.77 -10.31 -18.69
C ALA A 53 37.43 -10.03 -19.40
N CYS A 54 36.56 -11.03 -19.40
CA CYS A 54 35.25 -10.89 -20.03
C CYS A 54 34.47 -9.78 -19.28
N ALA A 55 34.40 -9.90 -17.96
CA ALA A 55 33.67 -8.90 -17.19
C ALA A 55 34.26 -7.52 -17.46
N HIS A 56 35.58 -7.40 -17.31
CA HIS A 56 36.22 -6.12 -17.54
C HIS A 56 35.99 -5.53 -18.92
N GLY A 57 36.18 -6.34 -19.95
CA GLY A 57 36.00 -5.84 -21.30
C GLY A 57 34.57 -5.38 -21.58
N ASN A 58 33.61 -5.92 -20.84
CA ASN A 58 32.22 -5.55 -21.01
C ASN A 58 31.72 -4.49 -19.99
N GLY A 59 32.63 -3.98 -19.15
CA GLY A 59 32.23 -2.95 -18.19
C GLY A 59 31.26 -3.48 -17.14
N ILE A 60 31.36 -4.75 -16.84
CA ILE A 60 30.49 -5.41 -15.89
C ILE A 60 31.30 -5.78 -14.67
N THR A 61 30.66 -5.65 -13.51
CA THR A 61 31.28 -6.01 -12.22
C THR A 61 30.63 -7.31 -11.79
N LEU A 62 31.42 -8.26 -11.32
CA LEU A 62 30.91 -9.53 -10.88
C LEU A 62 30.71 -9.59 -9.40
N THR A 63 29.56 -10.08 -8.94
CA THR A 63 29.41 -10.31 -7.50
C THR A 63 29.09 -11.80 -7.36
N VAL A 64 29.25 -12.33 -6.15
CA VAL A 64 29.02 -13.75 -5.97
C VAL A 64 28.01 -14.12 -4.89
N GLY A 65 27.15 -15.07 -5.21
CA GLY A 65 26.20 -15.56 -4.24
C GLY A 65 26.55 -17.01 -3.96
N HIS A 66 26.27 -17.49 -2.76
CA HIS A 66 26.53 -18.92 -2.47
C HIS A 66 25.58 -19.50 -1.44
N GLY A 67 24.90 -20.59 -1.79
CA GLY A 67 24.03 -21.27 -0.83
C GLY A 67 24.97 -22.42 -0.41
N PRO A 68 25.58 -22.40 0.78
CA PRO A 68 26.50 -23.50 1.15
C PRO A 68 25.91 -24.88 1.38
N SER A 69 26.71 -25.92 1.10
CA SER A 69 26.31 -27.33 1.30
C SER A 69 26.43 -27.63 2.78
N ALA A 70 25.85 -28.74 3.25
CA ALA A 70 25.95 -29.08 4.67
C ALA A 70 27.42 -29.35 5.04
N GLU A 71 28.22 -29.79 4.08
CA GLU A 71 29.64 -30.03 4.34
C GLU A 71 30.44 -28.73 4.46
N GLN A 72 29.81 -27.58 4.13
CA GLN A 72 30.51 -26.30 4.21
C GLN A 72 29.93 -25.43 5.31
N ASN A 73 29.21 -26.07 6.19
CA ASN A 73 28.51 -25.44 7.29
C ASN A 73 29.41 -24.96 8.45
N LEU A 74 29.79 -23.69 8.39
CA LEU A 74 30.62 -23.06 9.41
C LEU A 74 30.04 -23.10 10.84
N SER A 75 28.75 -23.36 10.96
CA SER A 75 28.11 -23.40 12.26
C SER A 75 28.05 -24.84 12.77
N SER A 76 28.50 -25.82 11.99
CA SER A 76 28.40 -27.23 12.44
C SER A 76 29.02 -27.60 13.81
N PRO A 77 28.32 -28.43 14.58
CA PRO A 77 28.85 -28.84 15.88
C PRO A 77 30.00 -29.84 15.67
N ASP A 78 30.07 -30.40 14.48
CA ASP A 78 31.14 -31.34 14.11
C ASP A 78 32.38 -30.49 13.80
N PRO A 79 33.47 -30.62 14.58
CA PRO A 79 34.70 -29.85 14.35
C PRO A 79 35.36 -30.10 12.97
N ASP A 80 35.16 -31.29 12.41
CA ASP A 80 35.74 -31.58 11.11
C ASP A 80 35.08 -30.82 9.97
N ILE A 81 33.74 -30.70 10.04
CA ILE A 81 32.98 -30.00 9.03
C ILE A 81 33.37 -28.53 9.08
N ARG A 82 33.50 -28.00 10.29
CA ARG A 82 33.88 -26.62 10.43
C ARG A 82 35.26 -26.42 9.83
N LYS A 83 36.12 -27.43 9.94
CA LYS A 83 37.46 -27.30 9.38
C LYS A 83 37.45 -27.36 7.86
N ASN A 84 36.69 -28.31 7.30
CA ASN A 84 36.55 -28.48 5.86
C ASN A 84 35.94 -27.18 5.29
N ALA A 85 35.00 -26.61 6.03
CA ALA A 85 34.31 -25.39 5.62
C ALA A 85 35.23 -24.19 5.53
N LYS A 86 36.05 -23.99 6.56
CA LYS A 86 36.97 -22.87 6.58
C LYS A 86 37.92 -23.06 5.43
N ALA A 87 38.36 -24.30 5.24
CA ALA A 87 39.26 -24.60 4.13
C ALA A 87 38.58 -24.26 2.79
N PHE A 88 37.31 -24.67 2.65
CA PHE A 88 36.57 -24.37 1.41
C PHE A 88 36.50 -22.87 1.16
N TYR A 89 36.10 -22.10 2.18
CA TYR A 89 36.00 -20.67 2.00
C TYR A 89 37.35 -20.02 1.70
N THR A 90 38.40 -20.51 2.36
CA THR A 90 39.70 -19.92 2.15
C THR A 90 40.11 -20.03 0.70
N ASP A 91 39.95 -21.22 0.17
CA ASP A 91 40.30 -21.43 -1.21
C ASP A 91 39.39 -20.59 -2.11
N LEU A 92 38.09 -20.51 -1.78
CA LEU A 92 37.12 -19.75 -2.61
C LEU A 92 37.45 -18.26 -2.65
N LEU A 93 37.76 -17.69 -1.48
CA LEU A 93 38.10 -16.28 -1.38
C LEU A 93 39.37 -15.99 -2.20
N LYS A 94 40.32 -16.91 -2.22
CA LYS A 94 41.49 -16.63 -3.03
C LYS A 94 41.12 -16.63 -4.51
N ARG A 95 40.19 -17.49 -4.88
CA ARG A 95 39.74 -17.52 -6.27
C ARG A 95 39.04 -16.18 -6.59
N LEU A 96 38.24 -15.71 -5.65
CA LEU A 96 37.55 -14.43 -5.82
C LEU A 96 38.57 -13.31 -6.01
N TYR A 97 39.66 -13.40 -5.25
CA TYR A 97 40.68 -12.38 -5.36
C TYR A 97 41.24 -12.42 -6.80
N LYS A 98 41.53 -13.61 -7.30
CA LYS A 98 42.06 -13.74 -8.66
C LYS A 98 41.04 -13.27 -9.70
N LEU A 99 39.75 -13.32 -9.35
CA LEU A 99 38.68 -12.91 -10.27
C LEU A 99 38.38 -11.44 -10.24
N ASP A 100 38.92 -10.73 -9.23
CA ASP A 100 38.70 -9.31 -9.04
C ASP A 100 37.28 -9.10 -8.55
N VAL A 101 36.82 -10.06 -7.76
CA VAL A 101 35.51 -10.02 -7.14
C VAL A 101 35.67 -9.56 -5.68
N HIS A 102 34.83 -8.64 -5.25
CA HIS A 102 34.98 -8.12 -3.87
C HIS A 102 33.73 -8.27 -3.03
N LEU A 103 32.86 -9.19 -3.39
CA LEU A 103 31.66 -9.36 -2.59
C LEU A 103 31.07 -10.74 -2.72
N ILE A 104 30.78 -11.40 -1.59
CA ILE A 104 30.13 -12.69 -1.66
C ILE A 104 28.98 -12.58 -0.64
N GLY A 105 27.86 -13.24 -0.91
CA GLY A 105 26.75 -13.13 -0.01
C GLY A 105 25.89 -14.36 -0.04
N GLY A 106 24.99 -14.47 0.92
CA GLY A 106 24.12 -15.63 1.00
C GLY A 106 24.13 -16.12 2.45
N ALA A 107 23.68 -17.34 2.70
CA ALA A 107 23.66 -17.83 4.07
C ALA A 107 25.04 -18.34 4.46
N LEU A 108 26.03 -17.45 4.37
CA LEU A 108 27.41 -17.83 4.62
C LEU A 108 27.75 -18.28 6.05
N TYR A 109 26.82 -18.08 6.97
CA TYR A 109 26.99 -18.44 8.37
C TYR A 109 26.33 -19.78 8.68
N SER A 110 25.86 -20.50 7.66
CA SER A 110 25.14 -21.74 7.89
C SER A 110 25.30 -22.55 6.59
N TYR A 111 24.21 -23.15 6.13
CA TYR A 111 24.17 -23.86 4.85
C TYR A 111 22.74 -23.63 4.30
N TRP A 112 22.51 -23.99 3.04
CA TRP A 112 21.20 -23.70 2.43
C TRP A 112 20.98 -24.60 1.24
N PRO A 113 19.78 -25.14 1.09
CA PRO A 113 18.74 -24.84 2.07
C PRO A 113 18.86 -25.77 3.29
N ILE A 114 18.34 -25.31 4.43
CA ILE A 114 18.36 -26.09 5.66
C ILE A 114 17.53 -27.35 5.48
N ASP A 115 18.03 -28.47 5.98
CA ASP A 115 17.31 -29.72 5.96
C ASP A 115 16.65 -29.71 7.34
N TYR A 116 15.37 -29.42 7.38
CA TYR A 116 14.68 -29.35 8.66
C TYR A 116 14.36 -30.70 9.29
N THR A 117 14.68 -31.81 8.62
CA THR A 117 14.43 -33.11 9.23
C THR A 117 15.53 -33.36 10.29
N LYS A 118 16.60 -32.58 10.25
CA LYS A 118 17.67 -32.70 11.25
C LYS A 118 17.29 -31.84 12.47
N THR A 119 17.78 -32.18 13.66
CA THR A 119 17.40 -31.39 14.85
C THR A 119 18.19 -30.11 14.87
N ILE A 120 17.56 -29.07 15.39
CA ILE A 120 18.14 -27.74 15.43
C ILE A 120 18.69 -27.30 16.78
N ASP A 121 19.77 -26.53 16.76
CA ASP A 121 20.37 -25.98 17.98
C ASP A 121 20.79 -24.53 17.65
N LYS A 122 19.81 -23.63 17.66
CA LYS A 122 20.07 -22.25 17.30
C LYS A 122 21.13 -21.63 18.15
N LYS A 123 20.92 -21.69 19.47
CA LYS A 123 21.87 -21.08 20.39
C LYS A 123 23.30 -21.60 20.13
N GLY A 124 23.44 -22.92 20.10
CA GLY A 124 24.75 -23.52 19.86
C GLY A 124 25.32 -23.16 18.49
N ASP A 125 24.48 -23.29 17.46
CA ASP A 125 24.88 -22.97 16.08
C ASP A 125 25.25 -21.50 15.95
N TRP A 126 24.48 -20.65 16.61
CA TRP A 126 24.76 -19.23 16.58
C TRP A 126 26.17 -18.93 17.08
N GLU A 127 26.58 -19.48 18.23
CA GLU A 127 27.89 -19.14 18.70
C GLU A 127 29.01 -19.80 17.95
N ARG A 128 28.83 -21.02 17.47
CA ARG A 128 29.90 -21.62 16.67
C ARG A 128 30.03 -20.78 15.40
N SER A 129 28.88 -20.38 14.83
CA SER A 129 28.88 -19.57 13.62
C SER A 129 29.61 -18.24 13.77
N VAL A 130 29.27 -17.47 14.80
CA VAL A 130 29.93 -16.20 15.06
C VAL A 130 31.46 -16.39 15.11
N GLU A 131 31.90 -17.45 15.76
CA GLU A 131 33.33 -17.74 15.86
C GLU A 131 33.93 -18.04 14.52
N SER A 132 33.31 -18.97 13.80
CA SER A 132 33.80 -19.35 12.49
C SER A 132 33.82 -18.15 11.53
N VAL A 133 32.74 -17.36 11.51
CA VAL A 133 32.69 -16.23 10.57
C VAL A 133 33.79 -15.26 10.87
N ARG A 134 34.10 -15.11 12.17
CA ARG A 134 35.15 -14.22 12.60
C ARG A 134 36.45 -14.53 11.93
N GLU A 135 36.80 -15.80 11.89
CA GLU A 135 38.06 -16.09 11.27
C GLU A 135 38.00 -16.17 9.76
N VAL A 136 36.86 -16.57 9.18
CA VAL A 136 36.81 -16.58 7.72
C VAL A 136 36.91 -15.11 7.29
N ALA A 137 36.31 -14.22 8.07
CA ALA A 137 36.29 -12.80 7.74
C ALA A 137 37.70 -12.25 7.55
N LYS A 138 38.63 -12.76 8.35
CA LYS A 138 40.01 -12.31 8.27
C LYS A 138 40.63 -12.70 6.93
N VAL A 139 40.28 -13.88 6.43
CA VAL A 139 40.77 -14.29 5.12
C VAL A 139 40.08 -13.38 4.07
N ALA A 140 38.79 -13.12 4.27
CA ALA A 140 38.06 -12.27 3.32
C ALA A 140 38.71 -10.89 3.19
N GLU A 141 39.06 -10.29 4.34
CA GLU A 141 39.70 -8.99 4.30
C GLU A 141 41.02 -9.01 3.57
N ALA A 142 41.82 -10.02 3.83
CA ALA A 142 43.10 -10.10 3.16
C ALA A 142 42.88 -10.23 1.65
N CYS A 143 41.72 -10.75 1.24
CA CYS A 143 41.41 -10.91 -0.17
C CYS A 143 40.67 -9.74 -0.82
N GLY A 144 40.34 -8.70 -0.03
CA GLY A 144 39.59 -7.56 -0.52
C GLY A 144 38.12 -7.89 -0.78
N VAL A 145 37.59 -8.82 0.00
CA VAL A 145 36.22 -9.26 -0.14
C VAL A 145 35.30 -9.01 1.04
N ASP A 146 34.18 -8.32 0.79
CA ASP A 146 33.14 -8.11 1.81
C ASP A 146 32.32 -9.39 1.85
N PHE A 147 32.13 -9.88 3.06
CA PHE A 147 31.44 -11.13 3.37
C PHE A 147 30.06 -10.72 3.89
N CYS A 148 29.04 -10.80 3.04
CA CYS A 148 27.69 -10.39 3.42
C CYS A 148 26.81 -11.55 3.89
N LEU A 149 26.14 -11.34 5.02
CA LEU A 149 25.32 -12.36 5.63
C LEU A 149 23.89 -11.97 5.37
N GLU A 150 23.25 -12.82 4.57
CA GLU A 150 21.88 -12.60 4.13
C GLU A 150 20.85 -13.09 5.09
N VAL A 151 19.96 -12.18 5.47
CA VAL A 151 18.84 -12.48 6.33
C VAL A 151 17.78 -13.24 5.50
N LEU A 152 17.38 -14.43 5.95
CA LEU A 152 16.45 -15.27 5.21
C LEU A 152 15.18 -15.58 5.94
N ASN A 153 14.16 -15.98 5.19
CA ASN A 153 12.90 -16.33 5.81
C ASN A 153 13.10 -17.67 6.55
N ARG A 154 12.23 -17.89 7.51
CA ARG A 154 12.22 -19.04 8.40
C ARG A 154 12.19 -20.40 7.71
N PHE A 155 11.62 -20.47 6.51
CA PHE A 155 11.56 -21.77 5.84
C PHE A 155 12.90 -22.14 5.19
N GLU A 156 13.85 -21.20 5.13
CA GLU A 156 15.14 -21.44 4.49
C GLU A 156 16.34 -21.44 5.43
N ASN A 157 16.16 -20.89 6.62
CA ASN A 157 17.18 -20.87 7.68
C ASN A 157 16.54 -20.46 9.02
N TYR A 158 17.22 -20.73 10.12
CA TYR A 158 16.66 -20.43 11.44
C TYR A 158 17.55 -19.55 12.30
N LEU A 159 18.76 -19.28 11.84
CA LEU A 159 19.66 -18.45 12.62
C LEU A 159 19.40 -16.96 12.57
N ILE A 160 19.24 -16.43 11.36
CA ILE A 160 19.01 -15.00 11.14
C ILE A 160 17.79 -14.82 10.23
N ASN A 161 16.64 -14.45 10.81
CA ASN A 161 15.41 -14.26 10.05
C ASN A 161 14.96 -12.79 9.89
N THR A 162 15.53 -11.84 10.67
CA THR A 162 15.13 -10.42 10.54
C THR A 162 16.34 -9.54 10.49
N ALA A 163 16.14 -8.30 10.07
CA ALA A 163 17.28 -7.37 9.98
C ALA A 163 17.93 -7.18 11.37
N GLN A 164 17.09 -7.12 12.41
CA GLN A 164 17.61 -6.96 13.78
C GLN A 164 18.54 -8.14 14.16
N GLU A 165 18.11 -9.37 13.87
CA GLU A 165 18.97 -10.54 14.17
C GLU A 165 20.27 -10.47 13.38
N GLY A 166 20.14 -9.99 12.13
CA GLY A 166 21.31 -9.88 11.27
C GLY A 166 22.28 -8.88 11.86
N VAL A 167 21.75 -7.75 12.33
CA VAL A 167 22.60 -6.71 12.96
C VAL A 167 23.24 -7.27 14.24
N ASP A 168 22.45 -7.95 15.08
CA ASP A 168 22.99 -8.57 16.30
C ASP A 168 24.14 -9.53 15.96
N PHE A 169 23.91 -10.43 15.00
CA PHE A 169 24.95 -11.36 14.62
C PHE A 169 26.19 -10.65 14.08
N VAL A 170 25.97 -9.66 13.22
CA VAL A 170 27.12 -8.96 12.65
C VAL A 170 27.94 -8.14 13.66
N LYS A 171 27.27 -7.62 14.68
CA LYS A 171 27.95 -6.84 15.71
C LYS A 171 28.78 -7.79 16.55
N GLN A 172 28.25 -8.98 16.81
CA GLN A 172 28.99 -9.99 17.59
C GLN A 172 30.22 -10.39 16.82
N VAL A 173 30.10 -10.51 15.49
CA VAL A 173 31.25 -10.91 14.71
C VAL A 173 32.23 -9.79 14.84
N ASP A 174 31.71 -8.58 14.72
CA ASP A 174 32.53 -7.41 14.87
C ASP A 174 33.81 -7.38 14.01
N HIS A 175 33.61 -7.36 12.69
CA HIS A 175 34.70 -7.24 11.72
C HIS A 175 34.24 -6.29 10.66
N ASN A 176 35.08 -5.33 10.28
CA ASN A 176 34.69 -4.30 9.29
C ASN A 176 34.09 -4.79 7.96
N ASN A 177 34.63 -5.89 7.44
CA ASN A 177 34.20 -6.41 6.15
C ASN A 177 33.11 -7.46 6.23
N VAL A 178 32.44 -7.58 7.38
CA VAL A 178 31.35 -8.53 7.50
C VAL A 178 30.11 -7.64 7.56
N LYS A 179 29.16 -7.83 6.62
CA LYS A 179 27.96 -7.01 6.53
C LYS A 179 26.63 -7.75 6.57
N VAL A 180 25.57 -7.00 6.81
CA VAL A 180 24.23 -7.56 6.79
C VAL A 180 23.75 -7.46 5.33
N MET A 181 22.92 -8.38 4.90
CA MET A 181 22.44 -8.30 3.50
C MET A 181 20.97 -8.58 3.58
N LEU A 182 20.17 -7.78 2.90
CA LEU A 182 18.72 -7.96 2.96
C LEU A 182 18.26 -8.39 1.58
N ASP A 183 17.05 -8.89 1.52
CA ASP A 183 16.46 -9.39 0.30
C ASP A 183 14.97 -9.14 0.43
N THR A 184 14.41 -8.35 -0.47
CA THR A 184 12.98 -8.03 -0.41
C THR A 184 12.02 -9.22 -0.30
N PHE A 185 12.38 -10.35 -0.89
CA PHE A 185 11.53 -11.53 -0.86
C PHE A 185 11.49 -12.11 0.58
N HIS A 186 12.63 -12.08 1.26
CA HIS A 186 12.71 -12.62 2.62
C HIS A 186 12.13 -11.61 3.64
N MET A 187 12.36 -10.32 3.41
CA MET A 187 11.85 -9.25 4.28
C MET A 187 10.34 -9.30 4.21
N ASN A 188 9.81 -9.50 3.00
CA ASN A 188 8.37 -9.55 2.79
C ASN A 188 7.65 -10.51 3.72
N ILE A 189 8.36 -11.52 4.18
CA ILE A 189 7.74 -12.53 5.03
C ILE A 189 7.95 -12.21 6.50
N GLU A 190 9.19 -11.99 6.91
CA GLU A 190 9.52 -11.79 8.31
C GLU A 190 9.41 -10.44 8.98
N GLU A 191 9.56 -9.36 8.23
CA GLU A 191 9.59 -8.02 8.80
C GLU A 191 8.28 -7.33 9.14
N ASP A 192 8.25 -6.59 10.25
CA ASP A 192 7.03 -5.85 10.57
C ASP A 192 7.00 -4.68 9.59
N SER A 193 8.18 -4.13 9.30
CA SER A 193 8.27 -2.95 8.43
C SER A 193 9.41 -3.08 7.42
N ILE A 194 9.17 -2.75 6.14
CA ILE A 194 10.26 -2.88 5.15
C ILE A 194 11.21 -1.73 5.30
N GLY A 195 10.69 -0.51 5.30
CA GLY A 195 11.58 0.63 5.50
C GLY A 195 12.25 0.51 6.87
N GLY A 196 11.50 0.08 7.88
CA GLY A 196 12.12 -0.05 9.19
C GLY A 196 13.31 -0.99 9.20
N ALA A 197 13.14 -2.17 8.59
CA ALA A 197 14.24 -3.16 8.52
C ALA A 197 15.47 -2.57 7.84
N ILE A 198 15.26 -1.82 6.77
CA ILE A 198 16.38 -1.22 6.09
C ILE A 198 17.09 -0.19 7.04
N ARG A 199 16.30 0.64 7.73
CA ARG A 199 16.89 1.65 8.63
C ARG A 199 17.56 0.89 9.80
N THR A 200 16.96 -0.21 10.23
CA THR A 200 17.59 -1.00 11.26
C THR A 200 18.99 -1.47 10.77
N ALA A 201 19.08 -1.96 9.53
CA ALA A 201 20.34 -2.43 9.01
C ALA A 201 21.34 -1.29 8.94
N GLY A 202 20.87 -0.17 8.43
CA GLY A 202 21.69 1.02 8.38
C GLY A 202 23.07 0.90 7.83
N SER A 203 24.04 1.39 8.59
CA SER A 203 25.43 1.38 8.18
C SER A 203 25.97 -0.01 7.95
N TYR A 204 25.28 -1.04 8.45
CA TYR A 204 25.74 -2.40 8.24
C TYR A 204 25.28 -3.02 6.89
N LEU A 205 24.35 -2.38 6.19
CA LEU A 205 23.83 -2.96 4.96
C LEU A 205 24.93 -3.00 3.91
N GLY A 206 25.28 -4.18 3.46
CA GLY A 206 26.33 -4.25 2.46
C GLY A 206 25.95 -4.80 1.08
N HIS A 207 24.73 -5.33 0.98
CA HIS A 207 24.24 -5.88 -0.29
C HIS A 207 22.72 -6.01 -0.19
N LEU A 208 22.05 -5.95 -1.33
CA LEU A 208 20.60 -6.03 -1.36
C LEU A 208 20.13 -6.83 -2.60
N HIS A 209 19.30 -7.83 -2.35
CA HIS A 209 18.72 -8.67 -3.40
C HIS A 209 17.27 -8.20 -3.60
N THR A 210 16.81 -8.13 -4.83
CA THR A 210 15.44 -7.72 -5.09
C THR A 210 14.61 -8.75 -5.88
N GLY A 211 13.30 -8.71 -5.66
CA GLY A 211 12.39 -9.63 -6.30
C GLY A 211 11.03 -9.38 -5.70
N GLU A 212 9.98 -9.67 -6.46
CA GLU A 212 8.63 -9.47 -5.97
C GLU A 212 8.33 -10.55 -4.92
N CYS A 213 7.15 -10.45 -4.29
CA CYS A 213 6.73 -11.38 -3.24
C CYS A 213 6.82 -12.84 -3.63
N ASN A 214 6.48 -13.13 -4.89
CA ASN A 214 6.53 -14.51 -5.35
C ASN A 214 7.76 -14.73 -6.28
N ARG A 215 8.67 -13.76 -6.24
CA ARG A 215 9.95 -13.77 -6.96
C ARG A 215 10.01 -13.40 -8.43
N LYS A 216 9.00 -12.70 -8.90
CA LYS A 216 8.98 -12.20 -10.26
C LYS A 216 9.92 -11.03 -10.27
N VAL A 217 10.24 -10.53 -11.46
CA VAL A 217 11.15 -9.40 -11.58
C VAL A 217 10.51 -8.19 -10.82
N PRO A 218 11.34 -7.33 -10.23
CA PRO A 218 10.87 -6.14 -9.50
C PRO A 218 9.96 -5.19 -10.32
N GLY A 219 8.86 -4.72 -9.71
CA GLY A 219 8.00 -3.73 -10.31
C GLY A 219 6.50 -3.93 -10.48
N ARG A 220 6.07 -5.14 -10.81
CA ARG A 220 4.68 -5.39 -11.08
C ARG A 220 3.89 -6.12 -10.00
N GLY A 221 4.53 -6.33 -8.82
CA GLY A 221 3.92 -6.99 -7.69
C GLY A 221 3.64 -6.07 -6.49
N ARG A 222 3.62 -6.63 -5.29
CA ARG A 222 3.29 -5.84 -4.11
C ARG A 222 4.40 -5.30 -3.24
N ILE A 223 5.65 -5.51 -3.62
CA ILE A 223 6.75 -5.03 -2.78
C ILE A 223 6.70 -3.50 -2.82
N PRO A 224 6.84 -2.84 -1.66
CA PRO A 224 6.78 -1.38 -1.60
C PRO A 224 8.09 -0.70 -2.04
N TRP A 225 8.35 -0.75 -3.35
CA TRP A 225 9.59 -0.22 -3.90
C TRP A 225 9.89 1.25 -3.57
N VAL A 226 8.86 2.10 -3.59
CA VAL A 226 9.09 3.51 -3.26
C VAL A 226 9.57 3.61 -1.79
N GLU A 227 8.91 2.88 -0.90
CA GLU A 227 9.31 2.91 0.53
C GLU A 227 10.75 2.41 0.66
N ILE A 228 11.09 1.41 -0.15
CA ILE A 228 12.47 0.91 -0.11
C ILE A 228 13.43 1.99 -0.57
N GLY A 229 13.13 2.65 -1.68
CA GLY A 229 14.03 3.70 -2.14
C GLY A 229 14.26 4.79 -1.04
N GLU A 230 13.16 5.19 -0.41
CA GLU A 230 13.22 6.20 0.65
C GLU A 230 14.11 5.74 1.79
N ALA A 231 13.98 4.48 2.22
CA ALA A 231 14.80 3.94 3.30
C ALA A 231 16.26 3.85 2.89
N LEU A 232 16.54 3.48 1.64
CA LEU A 232 17.95 3.39 1.20
C LEU A 232 18.52 4.82 1.20
N ALA A 233 17.71 5.78 0.82
CA ALA A 233 18.24 7.14 0.84
C ALA A 233 18.43 7.56 2.33
N ASP A 234 17.52 7.19 3.23
CA ASP A 234 17.70 7.58 4.64
C ASP A 234 19.01 7.03 5.19
N ILE A 235 19.38 5.79 4.88
CA ILE A 235 20.64 5.25 5.41
C ILE A 235 21.85 5.56 4.53
N GLY A 236 21.64 6.31 3.46
CA GLY A 236 22.73 6.65 2.58
C GLY A 236 23.33 5.45 1.86
N TYR A 237 22.53 4.41 1.61
CA TYR A 237 23.07 3.22 0.96
C TYR A 237 23.78 3.50 -0.34
N ASN A 238 25.03 3.05 -0.38
CA ASN A 238 25.87 3.29 -1.55
C ASN A 238 26.00 2.12 -2.50
N GLY A 239 25.77 0.94 -1.91
CA GLY A 239 25.94 -0.33 -2.58
C GLY A 239 25.22 -0.76 -3.84
N SER A 240 25.24 -2.06 -4.00
CA SER A 240 24.68 -2.68 -5.15
C SER A 240 23.31 -3.25 -4.79
N VAL A 241 22.49 -3.35 -5.82
CA VAL A 241 21.14 -3.86 -5.72
C VAL A 241 21.07 -4.89 -6.86
N VAL A 242 20.93 -6.15 -6.51
CA VAL A 242 20.89 -7.25 -7.49
C VAL A 242 19.56 -7.92 -7.48
N MET A 243 18.85 -7.82 -8.60
CA MET A 243 17.55 -8.51 -8.67
C MET A 243 17.82 -9.99 -8.84
N GLU A 244 17.01 -10.77 -8.16
CA GLU A 244 17.16 -12.20 -8.13
C GLU A 244 15.84 -12.90 -8.48
N PRO A 245 15.32 -12.70 -9.70
CA PRO A 245 14.04 -13.34 -10.07
C PRO A 245 14.16 -14.84 -10.35
N PHE A 246 13.16 -15.62 -9.93
CA PHE A 246 13.15 -17.05 -10.21
C PHE A 246 11.73 -17.33 -10.71
N VAL A 247 11.58 -17.54 -12.01
CA VAL A 247 10.23 -17.75 -12.57
C VAL A 247 10.05 -19.04 -13.35
N ARG A 248 11.06 -19.91 -13.30
CA ARG A 248 11.05 -21.18 -14.03
C ARG A 248 11.17 -22.41 -13.18
N MET A 249 10.37 -23.43 -13.51
CA MET A 249 10.42 -24.71 -12.81
C MET A 249 11.59 -25.54 -13.32
N GLY A 250 11.93 -26.59 -12.59
CA GLY A 250 12.99 -27.47 -13.06
C GLY A 250 14.39 -27.35 -12.46
N GLY A 251 15.08 -28.47 -12.48
CA GLY A 251 16.45 -28.53 -12.02
C GLY A 251 16.64 -28.24 -10.54
N THR A 252 17.91 -28.11 -10.14
CA THR A 252 18.23 -27.84 -8.74
C THR A 252 17.76 -26.47 -8.29
N VAL A 253 17.78 -25.50 -9.20
CA VAL A 253 17.35 -24.14 -8.88
C VAL A 253 15.83 -24.14 -8.60
N GLY A 254 15.06 -24.80 -9.48
CA GLY A 254 13.62 -24.86 -9.31
C GLY A 254 13.22 -25.55 -8.01
N SER A 255 13.95 -26.61 -7.70
CA SER A 255 13.74 -27.41 -6.54
C SER A 255 14.16 -26.69 -5.26
N ASN A 256 15.34 -26.08 -5.25
CA ASN A 256 15.80 -25.35 -4.05
C ASN A 256 14.96 -24.11 -3.77
N ILE A 257 14.61 -23.34 -4.82
CA ILE A 257 13.79 -22.13 -4.68
C ILE A 257 12.29 -22.44 -4.52
N LYS A 258 11.90 -23.66 -4.88
CA LYS A 258 10.55 -24.20 -4.78
C LYS A 258 9.52 -23.52 -5.68
N VAL A 259 9.81 -23.56 -6.97
CA VAL A 259 8.97 -23.00 -8.03
C VAL A 259 8.18 -24.20 -8.55
N TRP A 260 6.93 -24.29 -8.15
CA TRP A 260 6.11 -25.43 -8.50
C TRP A 260 5.10 -25.16 -9.57
N ARG A 261 5.22 -24.02 -10.23
CA ARG A 261 4.30 -23.68 -11.32
C ARG A 261 5.10 -22.76 -12.24
N ASP A 262 4.70 -22.67 -13.50
CA ASP A 262 5.42 -21.79 -14.42
C ASP A 262 5.10 -20.34 -14.25
N ILE A 263 5.77 -19.74 -13.29
CA ILE A 263 5.63 -18.35 -13.00
C ILE A 263 6.03 -17.46 -14.18
N SER A 264 6.85 -17.95 -15.12
CA SER A 264 7.27 -17.15 -16.27
C SER A 264 6.21 -17.08 -17.34
N ASN A 265 5.17 -17.87 -17.20
CA ASN A 265 4.08 -17.88 -18.16
C ASN A 265 4.64 -18.19 -19.54
N GLY A 266 5.30 -19.32 -19.72
CA GLY A 266 5.87 -19.66 -21.02
C GLY A 266 6.88 -18.71 -21.70
N ALA A 267 7.56 -17.85 -20.93
CA ALA A 267 8.50 -16.94 -21.58
C ALA A 267 9.70 -17.61 -22.24
N ASP A 268 10.08 -17.14 -23.44
CA ASP A 268 11.31 -17.70 -24.02
C ASP A 268 12.44 -16.78 -23.52
N GLU A 269 13.66 -17.08 -23.93
CA GLU A 269 14.80 -16.28 -23.49
C GLU A 269 14.68 -14.77 -23.78
N LYS A 270 14.26 -14.43 -24.99
CA LYS A 270 14.15 -13.04 -25.36
C LYS A 270 13.10 -12.30 -24.52
N MET A 271 12.04 -13.02 -24.17
CA MET A 271 10.99 -12.45 -23.36
C MET A 271 11.56 -12.18 -21.94
N LEU A 272 12.30 -13.16 -21.42
CA LEU A 272 12.93 -13.03 -20.12
C LEU A 272 13.85 -11.83 -20.14
N ASP A 273 14.62 -11.71 -21.20
CA ASP A 273 15.53 -10.58 -21.33
C ASP A 273 14.80 -9.27 -21.30
N ARG A 274 13.72 -9.16 -22.07
CA ARG A 274 12.99 -7.92 -22.08
C ARG A 274 12.42 -7.55 -20.71
N GLU A 275 11.85 -8.51 -20.01
CA GLU A 275 11.28 -8.23 -18.69
C GLU A 275 12.37 -7.78 -17.69
N ALA A 276 13.54 -8.43 -17.74
CA ALA A 276 14.61 -8.03 -16.82
C ALA A 276 15.02 -6.59 -17.17
N GLN A 277 15.03 -6.23 -18.45
CA GLN A 277 15.45 -4.86 -18.76
C GLN A 277 14.41 -3.86 -18.32
N ALA A 278 13.13 -4.19 -18.48
CA ALA A 278 12.13 -3.24 -18.02
C ALA A 278 12.28 -3.10 -16.48
N ALA A 279 12.54 -4.22 -15.82
CA ALA A 279 12.71 -4.24 -14.36
C ALA A 279 13.94 -3.43 -13.92
N LEU A 280 14.98 -3.46 -14.74
CA LEU A 280 16.17 -2.66 -14.46
C LEU A 280 15.80 -1.16 -14.60
N ASP A 281 15.11 -0.80 -15.66
CA ASP A 281 14.73 0.61 -15.83
C ASP A 281 13.86 1.06 -14.64
N PHE A 282 12.93 0.21 -14.25
CA PHE A 282 12.06 0.53 -13.12
C PHE A 282 12.88 0.71 -11.83
N SER A 283 13.82 -0.19 -11.57
CA SER A 283 14.65 -0.15 -10.36
C SER A 283 15.48 1.10 -10.29
N ARG A 284 16.10 1.45 -11.42
CA ARG A 284 16.90 2.66 -11.45
C ARG A 284 16.00 3.88 -11.20
N TYR A 285 14.83 3.88 -11.81
CA TYR A 285 13.92 5.02 -11.70
C TYR A 285 13.34 5.18 -10.28
N VAL A 286 12.78 4.12 -9.75
CA VAL A 286 12.12 4.17 -8.44
C VAL A 286 13.03 4.11 -7.22
N LEU A 287 14.12 3.33 -7.28
CA LEU A 287 14.95 3.17 -6.12
C LEU A 287 16.01 4.23 -5.80
N GLU A 288 16.36 5.07 -6.78
CA GLU A 288 17.42 6.03 -6.59
C GLU A 288 17.04 7.45 -6.24
N CYS A 289 18.05 8.15 -5.70
CA CYS A 289 17.99 9.55 -5.33
C CYS A 289 16.72 9.99 -4.64
N HIS A 290 16.27 9.29 -3.60
CA HIS A 290 15.05 9.73 -2.92
C HIS A 290 15.43 10.70 -1.80
N MET B 1 -1.95 -0.89 -25.50
CA MET B 1 -2.44 0.30 -24.79
C MET B 1 -1.73 1.56 -25.27
N LYS B 2 -2.45 2.64 -25.56
CA LYS B 2 -1.79 3.88 -26.01
C LYS B 2 -1.51 4.86 -24.86
N HIS B 3 -0.29 5.38 -24.81
CA HIS B 3 0.14 6.32 -23.79
C HIS B 3 0.43 7.69 -24.35
N GLY B 4 -0.07 8.70 -23.64
CA GLY B 4 0.19 10.06 -24.06
C GLY B 4 0.54 10.96 -22.90
N ILE B 5 0.76 12.24 -23.17
CA ILE B 5 1.06 13.24 -22.15
C ILE B 5 0.34 14.54 -22.55
N TYR B 6 -0.14 15.32 -21.58
CA TYR B 6 -0.85 16.55 -21.86
C TYR B 6 0.23 17.59 -22.14
N TYR B 7 0.10 18.37 -23.22
CA TYR B 7 1.12 19.35 -23.59
C TYR B 7 1.35 20.39 -22.47
N ALA B 8 0.34 20.64 -21.62
CA ALA B 8 0.49 21.64 -20.55
C ALA B 8 1.58 21.40 -19.50
N TYR B 9 2.10 20.19 -19.48
CA TYR B 9 3.21 19.85 -18.60
C TYR B 9 4.38 20.83 -18.85
N TRP B 10 4.49 21.30 -20.09
CA TRP B 10 5.58 22.23 -20.48
C TRP B 10 5.15 23.69 -20.64
N GLU B 11 3.85 23.97 -20.55
CA GLU B 11 3.32 25.32 -20.80
C GLU B 11 2.47 25.90 -19.67
N GLN B 12 2.40 27.22 -19.55
CA GLN B 12 1.59 27.85 -18.49
C GLN B 12 0.24 28.45 -18.92
N GLU B 13 -0.20 28.19 -20.15
CA GLU B 13 -1.47 28.73 -20.61
C GLU B 13 -2.19 27.65 -21.36
N TRP B 14 -3.50 27.77 -21.47
CA TRP B 14 -4.26 26.75 -22.15
C TRP B 14 -4.20 26.72 -23.68
N GLU B 15 -2.99 26.96 -24.19
CA GLU B 15 -2.77 26.90 -25.62
C GLU B 15 -1.26 26.96 -25.82
N ALA B 16 -0.83 26.55 -27.00
CA ALA B 16 0.59 26.57 -27.35
C ALA B 16 0.72 26.09 -28.77
N ASP B 17 1.96 26.07 -29.21
CA ASP B 17 2.25 25.57 -30.53
C ASP B 17 2.24 24.03 -30.45
N TYR B 18 1.07 23.44 -30.67
CA TYR B 18 0.97 22.00 -30.60
C TYR B 18 1.91 21.26 -31.58
N LYS B 19 2.32 21.90 -32.67
CA LYS B 19 3.22 21.19 -33.62
C LYS B 19 4.56 20.91 -32.94
N TYR B 20 5.08 21.87 -32.22
CA TYR B 20 6.32 21.71 -31.50
C TYR B 20 6.21 20.50 -30.56
N TYR B 21 5.11 20.43 -29.80
CA TYR B 21 4.91 19.29 -28.89
C TYR B 21 4.68 17.95 -29.57
N ILE B 22 4.07 17.92 -30.76
CA ILE B 22 3.88 16.64 -31.45
C ILE B 22 5.28 16.07 -31.78
N GLU B 23 6.17 16.95 -32.25
CA GLU B 23 7.52 16.49 -32.61
C GLU B 23 8.24 16.03 -31.34
N LYS B 24 8.13 16.81 -30.26
CA LYS B 24 8.80 16.44 -29.00
C LYS B 24 8.36 15.09 -28.45
N VAL B 25 7.03 14.87 -28.34
CA VAL B 25 6.59 13.63 -27.73
C VAL B 25 6.79 12.44 -28.65
N ALA B 26 6.80 12.66 -29.95
CA ALA B 26 7.06 11.51 -30.83
C ALA B 26 8.51 11.12 -30.53
N LYS B 27 9.37 12.11 -30.37
CA LYS B 27 10.79 11.83 -30.08
C LYS B 27 11.00 11.15 -28.71
N LEU B 28 10.20 11.48 -27.72
CA LEU B 28 10.31 10.86 -26.41
C LEU B 28 9.65 9.50 -26.40
N GLY B 29 8.89 9.16 -27.43
CA GLY B 29 8.28 7.83 -27.47
C GLY B 29 6.79 7.70 -27.15
N PHE B 30 6.08 8.81 -26.95
CA PHE B 30 4.64 8.71 -26.65
C PHE B 30 3.80 8.31 -27.85
N ASP B 31 2.61 7.76 -27.64
CA ASP B 31 1.76 7.45 -28.77
C ASP B 31 0.80 8.63 -29.01
N ILE B 32 0.50 9.36 -27.95
CA ILE B 32 -0.51 10.41 -28.01
C ILE B 32 -0.04 11.72 -27.47
N LEU B 33 -0.55 12.82 -28.03
CA LEU B 33 -0.25 14.11 -27.43
C LEU B 33 -1.66 14.61 -27.10
N GLU B 34 -1.89 15.06 -25.87
CA GLU B 34 -3.22 15.60 -25.58
C GLU B 34 -3.10 17.12 -25.63
N ILE B 35 -4.00 17.76 -26.36
CA ILE B 35 -3.96 19.21 -26.44
C ILE B 35 -5.22 19.86 -25.81
N ALA B 36 -5.11 21.13 -25.44
CA ALA B 36 -6.24 21.89 -24.84
C ALA B 36 -7.15 22.36 -25.96
N ALA B 37 -8.46 22.21 -25.80
CA ALA B 37 -9.41 22.62 -26.85
C ALA B 37 -9.49 24.13 -27.08
N SER B 38 -9.18 24.90 -26.04
CA SER B 38 -9.31 26.35 -26.09
C SER B 38 -9.00 27.11 -27.37
N PRO B 39 -7.81 26.90 -27.96
CA PRO B 39 -7.53 27.65 -29.18
C PRO B 39 -8.17 27.12 -30.42
N LEU B 40 -8.63 25.88 -30.37
CA LEU B 40 -9.19 25.26 -31.56
C LEU B 40 -10.42 25.87 -32.24
N PRO B 41 -11.31 26.54 -31.47
CA PRO B 41 -12.47 27.11 -32.17
C PRO B 41 -12.03 28.15 -33.20
N PHE B 42 -10.96 28.84 -32.85
CA PHE B 42 -10.41 29.92 -33.64
C PHE B 42 -9.35 29.57 -34.67
N TYR B 43 -9.10 28.28 -34.84
CA TYR B 43 -8.13 27.84 -35.81
C TYR B 43 -8.74 28.08 -37.14
N SER B 44 -7.95 28.68 -38.03
CA SER B 44 -8.38 28.90 -39.41
C SER B 44 -8.51 27.47 -39.90
N ASP B 45 -9.01 27.28 -41.10
CA ASP B 45 -9.13 25.92 -41.60
C ASP B 45 -7.80 25.42 -42.09
N ILE B 46 -6.87 26.35 -42.36
CA ILE B 46 -5.56 25.93 -42.81
C ILE B 46 -4.81 25.36 -41.61
N GLN B 47 -4.82 26.10 -40.49
CA GLN B 47 -4.13 25.65 -39.29
C GLN B 47 -4.62 24.29 -38.78
N ILE B 48 -5.91 24.01 -38.99
CA ILE B 48 -6.45 22.72 -38.61
C ILE B 48 -5.81 21.63 -39.46
N ASN B 49 -5.65 21.86 -40.75
CA ASN B 49 -5.03 20.82 -41.59
C ASN B 49 -3.54 20.65 -41.38
N GLU B 50 -2.86 21.72 -41.00
CA GLU B 50 -1.42 21.63 -40.74
C GLU B 50 -1.23 20.79 -39.45
N LEU B 51 -1.95 21.17 -38.38
CA LEU B 51 -1.88 20.42 -37.11
C LEU B 51 -2.14 18.94 -37.36
N LYS B 52 -3.18 18.64 -38.12
CA LYS B 52 -3.47 17.26 -38.44
C LYS B 52 -2.36 16.61 -39.28
N ALA B 53 -1.73 17.40 -40.15
CA ALA B 53 -0.68 16.87 -41.01
C ALA B 53 0.52 16.49 -40.16
N CYS B 54 0.86 17.37 -39.23
CA CYS B 54 1.98 17.13 -38.34
C CYS B 54 1.76 15.83 -37.54
N ALA B 55 0.59 15.75 -36.92
CA ALA B 55 0.28 14.59 -36.13
C ALA B 55 0.49 13.33 -36.95
N HIS B 56 -0.10 13.26 -38.13
CA HIS B 56 0.07 12.08 -38.96
C HIS B 56 1.53 11.88 -39.36
N GLY B 57 2.24 12.98 -39.57
CA GLY B 57 3.62 12.93 -39.98
C GLY B 57 4.51 12.29 -38.95
N ASN B 58 4.17 12.55 -37.70
CA ASN B 58 4.96 12.04 -36.59
C ASN B 58 4.46 10.80 -35.91
N GLY B 59 3.42 10.20 -36.48
CA GLY B 59 2.86 8.99 -35.92
C GLY B 59 2.17 9.20 -34.57
N ILE B 60 1.78 10.43 -34.29
CA ILE B 60 1.13 10.77 -33.03
C ILE B 60 -0.40 10.89 -33.15
N THR B 61 -1.13 10.27 -32.21
CA THR B 61 -2.59 10.39 -32.18
C THR B 61 -2.84 11.60 -31.26
N LEU B 62 -3.83 12.43 -31.58
CA LEU B 62 -4.15 13.58 -30.76
C LEU B 62 -5.47 13.36 -29.99
N THR B 63 -5.47 13.78 -28.72
CA THR B 63 -6.70 13.69 -27.95
C THR B 63 -6.86 15.12 -27.39
N VAL B 64 -8.07 15.45 -26.96
CA VAL B 64 -8.33 16.81 -26.48
C VAL B 64 -8.89 16.87 -25.04
N GLY B 65 -8.42 17.85 -24.28
CA GLY B 65 -8.89 18.04 -22.93
C GLY B 65 -9.50 19.44 -22.94
N HIS B 66 -10.38 19.71 -22.00
CA HIS B 66 -11.00 21.04 -21.94
C HIS B 66 -11.65 21.36 -20.60
N GLY B 67 -11.31 22.50 -20.03
CA GLY B 67 -11.90 22.98 -18.79
C GLY B 67 -12.86 24.04 -19.36
N PRO B 68 -14.17 23.76 -19.43
CA PRO B 68 -15.05 24.79 -20.00
C PRO B 68 -15.15 26.07 -19.20
N SER B 69 -15.35 27.19 -19.91
CA SER B 69 -15.54 28.50 -19.27
C SER B 69 -17.03 28.58 -18.79
N ALA B 70 -17.31 29.53 -17.90
CA ALA B 70 -18.67 29.69 -17.37
C ALA B 70 -19.73 29.86 -18.44
N GLU B 71 -19.37 30.49 -19.58
CA GLU B 71 -20.34 30.69 -20.68
C GLU B 71 -20.54 29.45 -21.46
N GLN B 72 -19.74 28.41 -21.20
CA GLN B 72 -19.88 27.17 -21.95
C GLN B 72 -20.51 26.10 -21.07
N ASN B 73 -21.12 26.54 -19.97
CA ASN B 73 -21.72 25.63 -19.01
C ASN B 73 -23.06 25.03 -19.41
N LEU B 74 -23.04 23.79 -19.91
CA LEU B 74 -24.22 23.06 -20.31
C LEU B 74 -25.22 22.81 -19.15
N SER B 75 -24.78 23.07 -17.92
CA SER B 75 -25.62 22.83 -16.76
C SER B 75 -26.30 24.10 -16.25
N SER B 76 -25.94 25.23 -16.83
CA SER B 76 -26.48 26.50 -16.39
C SER B 76 -28.00 26.65 -16.34
N PRO B 77 -28.51 27.32 -15.30
CA PRO B 77 -29.97 27.54 -15.17
C PRO B 77 -30.34 28.59 -16.23
N ASP B 78 -29.37 29.40 -16.63
CA ASP B 78 -29.56 30.45 -17.64
C ASP B 78 -29.65 29.88 -19.04
N PRO B 79 -30.83 29.95 -19.65
CA PRO B 79 -31.01 29.40 -21.00
C PRO B 79 -30.11 29.96 -22.10
N ASP B 80 -29.67 31.21 -22.00
CA ASP B 80 -28.81 31.75 -23.07
C ASP B 80 -27.41 31.11 -22.99
N ILE B 81 -26.95 30.88 -21.76
CA ILE B 81 -25.68 30.22 -21.55
C ILE B 81 -25.75 28.78 -22.04
N ARG B 82 -26.84 28.09 -21.75
CA ARG B 82 -26.96 26.72 -22.25
C ARG B 82 -26.96 26.74 -23.76
N LYS B 83 -27.60 27.74 -24.35
CA LYS B 83 -27.65 27.84 -25.81
C LYS B 83 -26.26 28.02 -26.39
N ASN B 84 -25.50 28.93 -25.79
CA ASN B 84 -24.15 29.18 -26.28
C ASN B 84 -23.30 27.93 -26.07
N ALA B 85 -23.42 27.34 -24.88
CA ALA B 85 -22.67 26.13 -24.54
C ALA B 85 -22.87 25.13 -25.65
N LYS B 86 -24.12 24.90 -26.03
CA LYS B 86 -24.39 23.91 -27.06
C LYS B 86 -23.82 24.28 -28.42
N ALA B 87 -23.80 25.58 -28.73
CA ALA B 87 -23.27 26.06 -30.01
C ALA B 87 -21.75 25.89 -29.97
N PHE B 88 -21.15 26.23 -28.83
CA PHE B 88 -19.70 26.06 -28.67
C PHE B 88 -19.28 24.60 -28.95
N TYR B 89 -19.92 23.65 -28.28
CA TYR B 89 -19.59 22.25 -28.45
C TYR B 89 -19.89 21.67 -29.84
N THR B 90 -20.94 22.14 -30.51
CA THR B 90 -21.21 21.55 -31.82
C THR B 90 -20.14 22.06 -32.80
N ASP B 91 -19.74 23.32 -32.65
CA ASP B 91 -18.67 23.85 -33.51
C ASP B 91 -17.36 23.11 -33.18
N LEU B 92 -17.03 23.02 -31.89
CA LEU B 92 -15.79 22.31 -31.47
C LEU B 92 -15.76 20.87 -31.98
N LEU B 93 -16.86 20.15 -31.83
CA LEU B 93 -16.88 18.77 -32.28
C LEU B 93 -16.71 18.61 -33.79
N LYS B 94 -17.23 19.55 -34.57
CA LYS B 94 -17.09 19.44 -36.02
C LYS B 94 -15.63 19.65 -36.39
N ARG B 95 -14.95 20.55 -35.68
CA ARG B 95 -13.54 20.79 -35.94
C ARG B 95 -12.72 19.55 -35.60
N LEU B 96 -13.05 18.94 -34.46
CA LEU B 96 -12.40 17.73 -34.02
C LEU B 96 -12.52 16.70 -35.13
N TYR B 97 -13.68 16.63 -35.77
CA TYR B 97 -13.86 15.67 -36.85
C TYR B 97 -12.86 16.03 -37.97
N LYS B 98 -12.67 17.32 -38.22
CA LYS B 98 -11.74 17.75 -39.27
C LYS B 98 -10.30 17.42 -38.86
N LEU B 99 -9.98 17.67 -37.60
CA LEU B 99 -8.65 17.42 -37.05
C LEU B 99 -8.36 15.92 -36.87
N ASP B 100 -9.38 15.10 -37.15
CA ASP B 100 -9.29 13.65 -37.03
C ASP B 100 -9.09 13.16 -35.58
N VAL B 101 -9.67 13.86 -34.60
CA VAL B 101 -9.57 13.39 -33.22
C VAL B 101 -10.91 12.79 -32.79
N HIS B 102 -10.80 11.66 -32.09
CA HIS B 102 -11.92 10.91 -31.66
C HIS B 102 -12.22 10.92 -30.18
N LEU B 103 -11.60 11.82 -29.43
CA LEU B 103 -11.84 11.84 -28.02
C LEU B 103 -11.63 13.21 -27.41
N ILE B 104 -12.58 13.62 -26.56
CA ILE B 104 -12.46 14.89 -25.84
C ILE B 104 -12.87 14.53 -24.43
N GLY B 105 -12.24 15.15 -23.43
CA GLY B 105 -12.58 14.85 -22.06
C GLY B 105 -12.33 16.01 -21.15
N GLY B 106 -12.99 15.99 -20.01
CA GLY B 106 -12.82 17.05 -19.02
C GLY B 106 -14.14 17.24 -18.29
N ALA B 107 -14.34 18.38 -17.61
CA ALA B 107 -15.63 18.61 -16.91
C ALA B 107 -16.64 19.08 -17.97
N LEU B 108 -16.87 18.29 -19.00
CA LEU B 108 -17.74 18.72 -20.08
C LEU B 108 -19.23 18.93 -19.72
N TYR B 109 -19.64 18.41 -18.58
CA TYR B 109 -21.03 18.51 -18.12
C TYR B 109 -21.22 19.75 -17.30
N SER B 110 -20.15 20.53 -17.14
CA SER B 110 -20.18 21.71 -16.27
C SER B 110 -19.23 22.77 -16.82
N TYR B 111 -18.49 23.41 -15.93
CA TYR B 111 -17.46 24.37 -16.35
C TYR B 111 -16.33 24.16 -15.32
N TRP B 112 -15.14 24.71 -15.60
CA TRP B 112 -13.97 24.48 -14.73
C TRP B 112 -12.92 25.59 -14.83
N PRO B 113 -12.35 26.00 -13.68
CA PRO B 113 -12.61 25.52 -12.31
C PRO B 113 -13.94 26.13 -11.80
N ILE B 114 -14.56 25.52 -10.80
CA ILE B 114 -15.85 26.04 -10.30
C ILE B 114 -15.62 27.29 -9.46
N ASP B 115 -16.44 28.32 -9.66
CA ASP B 115 -16.34 29.50 -8.82
C ASP B 115 -17.29 29.19 -7.65
N TYR B 116 -16.73 28.94 -6.48
CA TYR B 116 -17.57 28.60 -5.34
C TYR B 116 -18.19 29.77 -4.57
N THR B 117 -17.99 30.99 -5.07
CA THR B 117 -18.57 32.16 -4.42
C THR B 117 -19.90 32.37 -5.10
N LYS B 118 -20.40 31.31 -5.72
CA LYS B 118 -21.69 31.35 -6.39
C LYS B 118 -22.56 30.27 -5.78
N THR B 119 -23.85 30.29 -6.12
CA THR B 119 -24.78 29.32 -5.56
C THR B 119 -24.68 27.96 -6.19
N ILE B 120 -24.55 26.96 -5.35
CA ILE B 120 -24.47 25.62 -5.87
C ILE B 120 -25.83 24.95 -5.83
N ASP B 121 -26.40 24.69 -7.01
CA ASP B 121 -27.67 23.97 -7.11
C ASP B 121 -27.43 22.61 -7.79
N LYS B 122 -26.88 21.68 -7.02
CA LYS B 122 -26.52 20.37 -7.56
C LYS B 122 -27.60 19.58 -8.23
N LYS B 123 -28.74 19.42 -7.59
CA LYS B 123 -29.79 18.63 -8.23
C LYS B 123 -30.28 19.29 -9.50
N GLY B 124 -30.51 20.60 -9.46
CA GLY B 124 -30.97 21.29 -10.67
C GLY B 124 -29.91 21.29 -11.79
N ASP B 125 -28.65 21.51 -11.41
CA ASP B 125 -27.55 21.54 -12.39
C ASP B 125 -27.39 20.17 -12.99
N TRP B 126 -27.54 19.15 -12.15
CA TRP B 126 -27.42 17.79 -12.61
C TRP B 126 -28.47 17.42 -13.64
N GLU B 127 -29.73 17.79 -13.39
CA GLU B 127 -30.79 17.44 -14.35
C GLU B 127 -30.60 18.15 -15.67
N ARG B 128 -30.35 19.44 -15.62
CA ARG B 128 -30.12 20.21 -16.84
C ARG B 128 -28.93 19.62 -17.62
N SER B 129 -27.82 19.38 -16.91
CA SER B 129 -26.62 18.86 -17.57
C SER B 129 -26.85 17.53 -18.29
N VAL B 130 -27.52 16.58 -17.65
CA VAL B 130 -27.80 15.30 -18.29
C VAL B 130 -28.56 15.52 -19.62
N GLU B 131 -29.54 16.41 -19.57
CA GLU B 131 -30.35 16.74 -20.73
C GLU B 131 -29.49 17.43 -21.79
N SER B 132 -28.72 18.43 -21.37
CA SER B 132 -27.84 19.12 -22.30
C SER B 132 -26.82 18.16 -22.95
N VAL B 133 -26.07 17.43 -22.14
CA VAL B 133 -25.05 16.49 -22.64
C VAL B 133 -25.67 15.51 -23.63
N ARG B 134 -26.89 15.04 -23.34
CA ARG B 134 -27.53 14.11 -24.26
C ARG B 134 -27.72 14.75 -25.63
N GLU B 135 -28.03 16.04 -25.68
CA GLU B 135 -28.18 16.70 -26.97
C GLU B 135 -26.82 16.74 -27.67
N VAL B 136 -25.82 17.29 -26.98
CA VAL B 136 -24.49 17.38 -27.54
C VAL B 136 -24.00 16.00 -28.03
N ALA B 137 -24.35 14.95 -27.30
CA ALA B 137 -23.96 13.59 -27.66
C ALA B 137 -24.29 13.22 -29.10
N LYS B 138 -25.44 13.68 -29.59
CA LYS B 138 -25.84 13.38 -30.94
C LYS B 138 -24.83 13.93 -31.94
N VAL B 139 -24.33 15.13 -31.67
CA VAL B 139 -23.36 15.76 -32.53
C VAL B 139 -22.00 15.05 -32.40
N ALA B 140 -21.69 14.64 -31.17
CA ALA B 140 -20.45 13.94 -30.92
C ALA B 140 -20.48 12.62 -31.68
N GLU B 141 -21.65 12.01 -31.73
CA GLU B 141 -21.75 10.76 -32.45
C GLU B 141 -21.58 10.99 -33.95
N ALA B 142 -22.11 12.11 -34.46
CA ALA B 142 -21.99 12.39 -35.89
C ALA B 142 -20.53 12.70 -36.26
N CYS B 143 -19.78 13.26 -35.31
CA CYS B 143 -18.40 13.57 -35.60
C CYS B 143 -17.44 12.45 -35.24
N GLY B 144 -17.96 11.32 -34.78
CA GLY B 144 -17.11 10.20 -34.39
C GLY B 144 -16.23 10.50 -33.17
N VAL B 145 -16.78 11.28 -32.24
CA VAL B 145 -16.06 11.71 -31.04
C VAL B 145 -16.62 11.15 -29.71
N ASP B 146 -15.74 10.54 -28.90
CA ASP B 146 -16.15 10.05 -27.58
C ASP B 146 -16.10 11.28 -26.65
N PHE B 147 -17.25 11.58 -26.06
CA PHE B 147 -17.43 12.75 -25.17
C PHE B 147 -17.29 12.15 -23.76
N CYS B 148 -16.11 12.37 -23.17
CA CYS B 148 -15.75 11.76 -21.87
C CYS B 148 -15.93 12.70 -20.71
N LEU B 149 -16.73 12.31 -19.72
CA LEU B 149 -17.01 13.17 -18.56
C LEU B 149 -16.06 12.80 -17.45
N GLU B 150 -15.20 13.75 -17.09
CA GLU B 150 -14.20 13.47 -16.09
C GLU B 150 -14.65 13.65 -14.66
N VAL B 151 -14.37 12.66 -13.80
CA VAL B 151 -14.72 12.70 -12.39
C VAL B 151 -13.67 13.52 -11.68
N LEU B 152 -14.08 14.59 -10.98
CA LEU B 152 -13.10 15.50 -10.31
C LEU B 152 -13.21 15.60 -8.80
N ASN B 153 -12.16 16.01 -8.10
CA ASN B 153 -12.30 16.15 -6.64
C ASN B 153 -13.26 17.29 -6.30
N ARG B 154 -13.73 17.29 -5.05
CA ARG B 154 -14.69 18.27 -4.53
C ARG B 154 -14.34 19.74 -4.70
N PHE B 155 -13.04 20.01 -4.77
CA PHE B 155 -12.57 21.39 -4.87
C PHE B 155 -12.68 21.96 -6.28
N GLU B 156 -12.81 21.09 -7.26
CA GLU B 156 -12.82 21.53 -8.65
C GLU B 156 -14.16 21.37 -9.31
N ASN B 157 -15.07 20.63 -8.67
CA ASN B 157 -16.37 20.41 -9.25
C ASN B 157 -17.24 19.80 -8.16
N TYR B 158 -18.56 19.95 -8.29
CA TYR B 158 -19.45 19.42 -7.27
C TYR B 158 -20.47 18.44 -7.81
N LEU B 159 -20.58 18.31 -9.14
CA LEU B 159 -21.56 17.38 -9.69
C LEU B 159 -21.15 15.94 -9.65
N ILE B 160 -19.90 15.65 -10.05
CA ILE B 160 -19.40 14.28 -10.13
C ILE B 160 -18.03 14.16 -9.44
N ASN B 161 -17.99 13.56 -8.24
CA ASN B 161 -16.76 13.42 -7.49
C ASN B 161 -16.32 11.97 -7.32
N THR B 162 -17.13 11.00 -7.72
CA THR B 162 -16.70 9.59 -7.60
C THR B 162 -17.04 8.85 -8.86
N ALA B 163 -16.42 7.68 -9.04
CA ALA B 163 -16.68 6.89 -10.24
C ALA B 163 -18.17 6.48 -10.27
N GLN B 164 -18.71 6.20 -9.08
CA GLN B 164 -20.12 5.80 -9.00
C GLN B 164 -21.05 6.95 -9.45
N GLU B 165 -20.74 8.18 -9.06
CA GLU B 165 -21.56 9.32 -9.51
C GLU B 165 -21.39 9.49 -11.02
N GLY B 166 -20.14 9.36 -11.51
CA GLY B 166 -19.89 9.46 -12.94
C GLY B 166 -20.66 8.43 -13.76
N VAL B 167 -20.65 7.17 -13.31
CA VAL B 167 -21.40 6.10 -14.01
C VAL B 167 -22.91 6.38 -13.95
N ASP B 168 -23.41 6.78 -12.79
CA ASP B 168 -24.84 7.10 -12.66
C ASP B 168 -25.22 8.19 -13.70
N PHE B 169 -24.37 9.21 -13.83
CA PHE B 169 -24.62 10.32 -14.77
C PHE B 169 -24.58 9.82 -16.21
N VAL B 170 -23.56 9.03 -16.54
CA VAL B 170 -23.46 8.54 -17.88
C VAL B 170 -24.62 7.60 -18.23
N LYS B 171 -25.05 6.75 -17.30
CA LYS B 171 -26.16 5.85 -17.59
C LYS B 171 -27.46 6.63 -17.78
N GLN B 172 -27.62 7.73 -17.03
CA GLN B 172 -28.80 8.57 -17.17
C GLN B 172 -28.78 9.21 -18.57
N VAL B 173 -27.64 9.72 -19.02
CA VAL B 173 -27.50 10.33 -20.34
C VAL B 173 -27.90 9.31 -21.37
N ASP B 174 -27.52 8.06 -21.10
CA ASP B 174 -27.88 6.93 -21.93
C ASP B 174 -27.59 7.08 -23.41
N HIS B 175 -26.32 7.29 -23.75
CA HIS B 175 -25.95 7.43 -25.15
C HIS B 175 -24.53 6.87 -25.31
N ASN B 176 -24.34 6.03 -26.31
CA ASN B 176 -23.08 5.37 -26.53
C ASN B 176 -21.79 6.21 -26.70
N ASN B 177 -21.89 7.44 -27.18
CA ASN B 177 -20.70 8.30 -27.32
C ASN B 177 -20.35 9.09 -26.05
N VAL B 178 -21.06 8.87 -24.94
CA VAL B 178 -20.76 9.57 -23.71
C VAL B 178 -20.12 8.57 -22.75
N LYS B 179 -18.93 8.89 -22.23
CA LYS B 179 -18.20 7.98 -21.36
C LYS B 179 -17.77 8.61 -20.04
N VAL B 180 -17.43 7.75 -19.09
CA VAL B 180 -16.91 8.21 -17.80
C VAL B 180 -15.38 8.33 -17.99
N MET B 181 -14.72 9.21 -17.25
CA MET B 181 -13.28 9.37 -17.37
C MET B 181 -12.73 9.51 -15.96
N LEU B 182 -11.65 8.81 -15.64
CA LEU B 182 -11.08 8.89 -14.31
C LEU B 182 -9.69 9.50 -14.38
N ASP B 183 -9.24 10.02 -13.25
CA ASP B 183 -7.93 10.67 -13.17
C ASP B 183 -7.40 10.30 -11.78
N THR B 184 -6.22 9.69 -11.77
CA THR B 184 -5.61 9.22 -10.52
C THR B 184 -5.45 10.29 -9.49
N PHE B 185 -5.24 11.54 -9.91
CA PHE B 185 -5.09 12.65 -8.96
C PHE B 185 -6.44 12.87 -8.25
N HIS B 186 -7.53 12.80 -9.03
CA HIS B 186 -8.88 13.02 -8.45
C HIS B 186 -9.39 11.82 -7.64
N MET B 187 -9.12 10.61 -8.12
CA MET B 187 -9.48 9.40 -7.41
C MET B 187 -8.75 9.33 -6.06
N ASN B 188 -7.51 9.80 -6.01
CA ASN B 188 -6.70 9.74 -4.80
C ASN B 188 -7.40 10.49 -3.63
N ILE B 189 -8.19 11.50 -3.96
CA ILE B 189 -8.88 12.25 -2.93
C ILE B 189 -10.26 11.64 -2.58
N GLU B 190 -11.09 11.41 -3.56
CA GLU B 190 -12.45 10.97 -3.30
C GLU B 190 -12.79 9.52 -3.10
N GLU B 191 -12.02 8.62 -3.72
CA GLU B 191 -12.36 7.22 -3.65
C GLU B 191 -12.03 6.40 -2.41
N ASP B 192 -12.91 5.44 -2.15
CA ASP B 192 -12.62 4.53 -1.06
C ASP B 192 -11.52 3.59 -1.59
N SER B 193 -11.69 3.20 -2.84
CA SER B 193 -10.81 2.23 -3.52
C SER B 193 -10.48 2.63 -4.99
N ILE B 194 -9.19 2.66 -5.33
CA ILE B 194 -8.73 3.02 -6.69
C ILE B 194 -9.17 1.89 -7.64
N GLY B 195 -8.71 0.67 -7.33
CA GLY B 195 -9.09 -0.50 -8.13
C GLY B 195 -10.60 -0.61 -8.23
N GLY B 196 -11.26 -0.38 -7.09
CA GLY B 196 -12.72 -0.40 -7.02
C GLY B 196 -13.39 0.61 -7.94
N ALA B 197 -12.91 1.85 -7.93
CA ALA B 197 -13.46 2.90 -8.80
C ALA B 197 -13.31 2.52 -10.27
N ILE B 198 -12.14 1.98 -10.62
CA ILE B 198 -11.88 1.57 -12.01
C ILE B 198 -12.89 0.47 -12.36
N ARG B 199 -13.06 -0.52 -11.48
CA ARG B 199 -13.99 -1.60 -11.77
C ARG B 199 -15.43 -1.07 -11.80
N THR B 200 -15.74 -0.04 -10.99
CA THR B 200 -17.09 0.55 -11.05
C THR B 200 -17.28 1.20 -12.46
N ALA B 201 -16.28 1.94 -12.95
CA ALA B 201 -16.46 2.55 -14.26
C ALA B 201 -16.62 1.45 -15.33
N GLY B 202 -15.78 0.42 -15.26
CA GLY B 202 -15.88 -0.69 -16.21
C GLY B 202 -16.03 -0.38 -17.69
N SER B 203 -17.07 -0.87 -18.37
CA SER B 203 -17.19 -0.61 -19.81
C SER B 203 -17.37 0.85 -20.09
N TYR B 204 -17.86 1.60 -19.12
CA TYR B 204 -18.03 3.04 -19.35
C TYR B 204 -16.72 3.84 -19.34
N LEU B 205 -15.62 3.29 -18.80
CA LEU B 205 -14.36 4.06 -18.78
C LEU B 205 -13.88 4.29 -20.19
N GLY B 206 -13.81 5.55 -20.60
CA GLY B 206 -13.35 5.85 -21.95
C GLY B 206 -12.02 6.60 -22.06
N HIS B 207 -11.41 6.99 -20.94
CA HIS B 207 -10.15 7.73 -20.97
C HIS B 207 -9.67 7.74 -19.55
N LEU B 208 -8.34 7.81 -19.40
CA LEU B 208 -7.75 7.82 -18.07
C LEU B 208 -6.60 8.82 -18.00
N HIS B 209 -6.62 9.68 -16.99
CA HIS B 209 -5.56 10.64 -16.75
C HIS B 209 -4.67 10.11 -15.60
N THR B 210 -3.36 10.34 -15.68
CA THR B 210 -2.47 9.85 -14.64
C THR B 210 -1.60 10.97 -14.05
N GLY B 211 -1.23 10.78 -12.79
CA GLY B 211 -0.41 11.79 -12.11
C GLY B 211 -0.22 11.29 -10.71
N GLU B 212 0.85 11.70 -10.03
CA GLU B 212 1.06 11.31 -8.66
C GLU B 212 0.08 12.14 -7.78
N CYS B 213 0.05 11.85 -6.50
CA CYS B 213 -0.86 12.49 -5.58
C CYS B 213 -0.77 13.99 -5.70
N ASN B 214 0.44 14.51 -5.85
CA ASN B 214 0.63 15.95 -5.97
C ASN B 214 0.87 16.41 -7.40
N ARG B 215 0.47 15.59 -8.35
CA ARG B 215 0.58 15.87 -9.78
C ARG B 215 1.98 15.79 -10.45
N LYS B 216 2.95 15.20 -9.76
CA LYS B 216 4.28 15.01 -10.35
C LYS B 216 4.07 13.88 -11.38
N VAL B 217 5.07 13.58 -12.21
CA VAL B 217 4.88 12.49 -13.20
C VAL B 217 4.76 11.18 -12.46
N PRO B 218 4.09 10.20 -13.07
CA PRO B 218 3.93 8.93 -12.43
C PRO B 218 5.23 8.20 -12.08
N GLY B 219 5.17 7.53 -10.93
CA GLY B 219 6.24 6.67 -10.51
C GLY B 219 6.88 6.70 -9.16
N ARG B 220 7.21 7.86 -8.61
CA ARG B 220 7.90 7.85 -7.35
C ARG B 220 7.04 8.36 -6.21
N GLY B 221 5.73 8.44 -6.46
CA GLY B 221 4.80 8.89 -5.47
C GLY B 221 4.07 7.77 -4.77
N ARG B 222 2.88 8.08 -4.23
CA ARG B 222 2.09 7.11 -3.47
C ARG B 222 0.90 6.50 -4.24
N ILE B 223 0.69 6.92 -5.47
CA ILE B 223 -0.43 6.35 -6.24
C ILE B 223 -0.15 4.83 -6.39
N PRO B 224 -1.19 3.96 -6.19
CA PRO B 224 -0.94 2.52 -6.33
C PRO B 224 -1.01 2.11 -7.81
N TRP B 225 0.10 2.30 -8.51
CA TRP B 225 0.12 1.96 -9.97
C TRP B 225 -0.17 0.52 -10.31
N VAL B 226 0.38 -0.43 -9.55
CA VAL B 226 0.13 -1.85 -9.84
C VAL B 226 -1.39 -2.14 -9.70
N GLU B 227 -1.99 -1.62 -8.63
CA GLU B 227 -3.41 -1.84 -8.42
C GLU B 227 -4.19 -1.26 -9.61
N ILE B 228 -3.77 -0.10 -10.12
CA ILE B 228 -4.48 0.48 -11.27
C ILE B 228 -4.37 -0.43 -12.51
N GLY B 229 -3.13 -0.85 -12.79
CA GLY B 229 -2.92 -1.74 -13.92
C GLY B 229 -3.72 -3.03 -13.75
N GLU B 230 -3.80 -3.57 -12.54
CA GLU B 230 -4.58 -4.81 -12.37
C GLU B 230 -6.07 -4.55 -12.60
N ALA B 231 -6.57 -3.39 -12.16
CA ALA B 231 -7.99 -3.09 -12.37
C ALA B 231 -8.28 -2.78 -13.87
N LEU B 232 -7.32 -2.19 -14.58
CA LEU B 232 -7.51 -1.95 -15.99
C LEU B 232 -7.62 -3.29 -16.75
N ALA B 233 -6.81 -4.26 -16.32
CA ALA B 233 -6.81 -5.61 -16.88
C ALA B 233 -8.16 -6.23 -16.47
N ASP B 234 -8.59 -6.06 -15.20
CA ASP B 234 -9.91 -6.60 -14.79
C ASP B 234 -11.04 -6.18 -15.72
N ILE B 235 -11.11 -4.89 -16.06
CA ILE B 235 -12.24 -4.47 -16.88
C ILE B 235 -12.00 -4.70 -18.35
N GLY B 236 -10.75 -4.94 -18.72
CA GLY B 236 -10.39 -5.13 -20.12
C GLY B 236 -10.38 -3.79 -20.84
N TYR B 237 -9.79 -2.76 -20.21
CA TYR B 237 -9.75 -1.40 -20.75
C TYR B 237 -9.13 -1.34 -22.15
N ASN B 238 -9.87 -0.73 -23.08
CA ASN B 238 -9.43 -0.59 -24.49
C ASN B 238 -9.16 0.88 -24.84
N GLY B 239 -8.83 1.69 -23.83
CA GLY B 239 -8.59 3.09 -24.10
C GLY B 239 -7.14 3.49 -23.95
N SER B 240 -6.93 4.79 -23.84
CA SER B 240 -5.60 5.29 -23.71
C SER B 240 -5.39 5.83 -22.31
N VAL B 241 -4.12 6.09 -22.01
CA VAL B 241 -3.69 6.56 -20.70
C VAL B 241 -2.81 7.74 -20.97
N VAL B 242 -3.23 8.90 -20.46
CA VAL B 242 -2.54 10.16 -20.65
C VAL B 242 -2.09 10.74 -19.32
N MET B 243 -0.78 10.94 -19.15
CA MET B 243 -0.31 11.55 -17.93
C MET B 243 -0.50 13.03 -18.10
N GLU B 244 -0.93 13.65 -17.01
CA GLU B 244 -1.21 15.06 -16.89
C GLU B 244 -0.38 15.65 -15.74
N PRO B 245 0.95 15.63 -15.84
CA PRO B 245 1.73 16.21 -14.73
C PRO B 245 1.71 17.73 -14.71
N PHE B 246 1.64 18.32 -13.51
CA PHE B 246 1.69 19.79 -13.40
C PHE B 246 2.69 20.11 -12.31
N VAL B 247 3.89 20.51 -12.74
CA VAL B 247 4.94 20.80 -11.78
C VAL B 247 5.49 22.24 -11.76
N ARG B 248 4.90 23.14 -12.55
CA ARG B 248 5.38 24.53 -12.59
C ARG B 248 4.39 25.61 -12.14
N MET B 249 4.89 26.58 -11.39
CA MET B 249 4.11 27.71 -10.93
C MET B 249 3.91 28.71 -12.06
N GLY B 250 2.85 29.51 -11.99
CA GLY B 250 2.63 30.57 -12.98
C GLY B 250 1.61 30.46 -14.09
N GLY B 251 1.13 31.62 -14.55
CA GLY B 251 0.18 31.62 -15.65
C GLY B 251 -1.21 31.10 -15.28
N THR B 252 -2.07 30.94 -16.27
CA THR B 252 -3.40 30.44 -16.01
C THR B 252 -3.38 28.97 -15.55
N VAL B 253 -2.44 28.21 -16.10
CA VAL B 253 -2.27 26.80 -15.76
C VAL B 253 -1.89 26.68 -14.28
N GLY B 254 -0.83 27.37 -13.86
CA GLY B 254 -0.40 27.31 -12.46
C GLY B 254 -1.46 27.79 -11.48
N SER B 255 -2.27 28.76 -11.86
CA SER B 255 -3.26 29.19 -10.90
C SER B 255 -4.52 28.33 -10.97
N ASN B 256 -4.93 27.87 -12.16
CA ASN B 256 -6.09 27.01 -12.25
C ASN B 256 -5.78 25.66 -11.52
N ILE B 257 -4.55 25.12 -11.69
CA ILE B 257 -4.16 23.86 -11.07
C ILE B 257 -3.72 24.05 -9.60
N LYS B 258 -3.43 25.30 -9.26
CA LYS B 258 -3.03 25.73 -7.93
C LYS B 258 -1.68 25.19 -7.46
N VAL B 259 -0.69 25.47 -8.30
CA VAL B 259 0.66 25.06 -8.00
C VAL B 259 1.23 26.28 -7.33
N TRP B 260 1.51 26.18 -6.03
CA TRP B 260 2.04 27.32 -5.26
C TRP B 260 3.48 27.18 -4.79
N ARG B 261 4.19 26.18 -5.29
CA ARG B 261 5.56 25.97 -4.92
C ARG B 261 6.18 25.35 -6.19
N ASP B 262 7.51 25.42 -6.31
CA ASP B 262 8.13 24.87 -7.51
C ASP B 262 8.30 23.39 -7.37
N ILE B 263 7.24 22.67 -7.70
CA ILE B 263 7.26 21.24 -7.58
C ILE B 263 8.32 20.57 -8.51
N SER B 264 8.63 21.24 -9.61
CA SER B 264 9.61 20.71 -10.58
C SER B 264 11.04 20.82 -10.06
N ASN B 265 11.21 21.55 -8.97
CA ASN B 265 12.52 21.76 -8.38
C ASN B 265 13.58 22.32 -9.35
N GLY B 266 13.25 23.36 -10.09
CA GLY B 266 14.20 23.96 -11.01
C GLY B 266 14.37 23.30 -12.36
N ALA B 267 13.62 22.25 -12.65
CA ALA B 267 13.77 21.58 -13.95
C ALA B 267 13.72 22.46 -15.21
N ASP B 268 14.66 22.25 -16.14
CA ASP B 268 14.59 23.00 -17.38
C ASP B 268 13.89 22.08 -18.36
N GLU B 269 13.66 22.54 -19.58
CA GLU B 269 12.94 21.75 -20.53
C GLU B 269 13.47 20.33 -20.72
N LYS B 270 14.79 20.23 -20.88
CA LYS B 270 15.45 18.95 -21.09
C LYS B 270 15.19 18.02 -19.92
N MET B 271 15.30 18.56 -18.71
CA MET B 271 15.04 17.78 -17.51
C MET B 271 13.54 17.35 -17.48
N LEU B 272 12.61 18.24 -17.85
CA LEU B 272 11.16 17.89 -17.85
C LEU B 272 10.98 16.76 -18.88
N ASP B 273 11.70 16.84 -20.00
CA ASP B 273 11.60 15.81 -21.04
C ASP B 273 12.02 14.44 -20.51
N ARG B 274 13.19 14.40 -19.88
CA ARG B 274 13.71 13.13 -19.36
C ARG B 274 12.76 12.57 -18.30
N GLU B 275 12.28 13.41 -17.38
CA GLU B 275 11.38 12.86 -16.37
C GLU B 275 10.10 12.33 -17.04
N ALA B 276 9.63 12.99 -18.09
CA ALA B 276 8.42 12.51 -18.78
C ALA B 276 8.67 11.18 -19.44
N GLN B 277 9.83 11.05 -20.06
CA GLN B 277 10.11 9.78 -20.73
C GLN B 277 10.33 8.64 -19.70
N ALA B 278 10.94 8.94 -18.55
CA ALA B 278 11.12 7.88 -17.59
C ALA B 278 9.74 7.44 -17.07
N ALA B 279 8.82 8.39 -16.87
CA ALA B 279 7.47 8.07 -16.36
C ALA B 279 6.71 7.28 -17.40
N LEU B 280 7.02 7.54 -18.67
CA LEU B 280 6.37 6.83 -19.80
C LEU B 280 6.83 5.37 -19.76
N ASP B 281 8.13 5.15 -19.62
CA ASP B 281 8.63 3.78 -19.55
C ASP B 281 8.02 3.09 -18.34
N PHE B 282 7.97 3.81 -17.22
CA PHE B 282 7.39 3.23 -16.01
C PHE B 282 5.92 2.83 -16.28
N SER B 283 5.16 3.74 -16.88
CA SER B 283 3.73 3.46 -17.13
C SER B 283 3.49 2.28 -18.05
N ARG B 284 4.25 2.19 -19.14
CA ARG B 284 4.10 1.06 -20.05
C ARG B 284 4.41 -0.23 -19.34
N TYR B 285 5.40 -0.19 -18.46
CA TYR B 285 5.81 -1.39 -17.76
C TYR B 285 4.82 -1.84 -16.67
N VAL B 286 4.50 -0.96 -15.75
CA VAL B 286 3.61 -1.28 -14.66
C VAL B 286 2.13 -1.42 -15.06
N LEU B 287 1.61 -0.57 -15.94
CA LEU B 287 0.18 -0.65 -16.27
C LEU B 287 -0.23 -1.77 -17.21
N GLU B 288 0.77 -2.32 -17.90
CA GLU B 288 0.67 -3.42 -18.87
C GLU B 288 0.01 -2.99 -20.15
N MET C 1 -0.29 8.72 23.90
CA MET C 1 -0.90 9.71 23.01
C MET C 1 -2.34 9.91 23.43
N LYS C 2 -2.83 11.14 23.33
CA LYS C 2 -4.21 11.42 23.69
C LYS C 2 -5.01 11.49 22.39
N HIS C 3 -6.19 10.91 22.39
CA HIS C 3 -7.02 10.87 21.21
C HIS C 3 -8.31 11.68 21.36
N GLY C 4 -8.63 12.49 20.35
CA GLY C 4 -9.83 13.28 20.43
C GLY C 4 -10.56 13.28 19.12
N ILE C 5 -11.68 14.01 19.08
CA ILE C 5 -12.46 14.14 17.88
C ILE C 5 -13.01 15.57 17.83
N TYR C 6 -13.26 16.03 16.61
CA TYR C 6 -13.80 17.36 16.36
C TYR C 6 -15.32 17.25 16.46
N TYR C 7 -15.93 18.10 17.30
CA TYR C 7 -17.37 18.06 17.49
C TYR C 7 -18.09 18.23 16.16
N ALA C 8 -17.47 18.99 15.26
CA ALA C 8 -18.08 19.25 13.95
C ALA C 8 -18.50 18.01 13.17
N TYR C 9 -17.94 16.86 13.53
CA TYR C 9 -18.31 15.57 12.89
C TYR C 9 -19.84 15.41 12.99
N TRP C 10 -20.44 16.01 14.02
CA TRP C 10 -21.88 15.88 14.21
C TRP C 10 -22.70 17.10 13.84
N GLU C 11 -22.03 18.26 13.65
CA GLU C 11 -22.71 19.54 13.38
C GLU C 11 -22.37 20.20 12.03
N GLN C 12 -23.31 20.99 11.51
CA GLN C 12 -23.10 21.67 10.24
C GLN C 12 -22.69 23.15 10.33
N GLU C 13 -22.39 23.66 11.53
CA GLU C 13 -22.01 25.06 11.71
C GLU C 13 -20.82 25.12 12.66
N TRP C 14 -20.05 26.21 12.60
CA TRP C 14 -18.88 26.33 13.47
C TRP C 14 -19.12 26.81 14.93
N GLU C 15 -20.09 26.16 15.57
CA GLU C 15 -20.46 26.42 16.97
C GLU C 15 -21.46 25.30 17.33
N ALA C 16 -21.61 25.02 18.62
CA ALA C 16 -22.56 23.99 19.07
C ALA C 16 -22.55 23.96 20.60
N ASP C 17 -23.43 23.15 21.18
CA ASP C 17 -23.43 23.05 22.62
C ASP C 17 -22.29 22.12 22.98
N TYR C 18 -21.11 22.68 23.17
CA TYR C 18 -19.95 21.87 23.47
C TYR C 18 -20.07 20.99 24.72
N LYS C 19 -20.92 21.35 25.67
CA LYS C 19 -21.07 20.52 26.87
C LYS C 19 -21.77 19.22 26.49
N TYR C 20 -22.70 19.30 25.55
CA TYR C 20 -23.36 18.10 25.08
C TYR C 20 -22.33 17.12 24.45
N TYR C 21 -21.43 17.66 23.63
CA TYR C 21 -20.42 16.82 22.97
C TYR C 21 -19.34 16.38 23.95
N ILE C 22 -19.05 17.18 24.97
CA ILE C 22 -18.07 16.82 26.00
C ILE C 22 -18.56 15.54 26.68
N GLU C 23 -19.85 15.52 26.98
CA GLU C 23 -20.43 14.35 27.64
C GLU C 23 -20.48 13.17 26.68
N LYS C 24 -20.87 13.41 25.44
CA LYS C 24 -20.94 12.33 24.45
C LYS C 24 -19.59 11.63 24.29
N VAL C 25 -18.59 12.44 24.05
CA VAL C 25 -17.26 11.96 23.80
C VAL C 25 -16.60 11.29 25.01
N ALA C 26 -17.03 11.65 26.21
CA ALA C 26 -16.45 11.03 27.38
C ALA C 26 -17.02 9.61 27.44
N LYS C 27 -18.30 9.46 27.07
CA LYS C 27 -18.93 8.16 27.07
C LYS C 27 -18.40 7.28 25.96
N LEU C 28 -17.92 7.87 24.87
CA LEU C 28 -17.40 7.04 23.78
C LEU C 28 -15.95 6.67 24.07
N GLY C 29 -15.34 7.32 25.05
CA GLY C 29 -13.98 6.97 25.38
C GLY C 29 -12.86 7.88 24.95
N PHE C 30 -13.14 9.01 24.32
CA PHE C 30 -12.05 9.89 23.90
C PHE C 30 -11.43 10.56 25.09
N ASP C 31 -10.26 11.11 24.87
CA ASP C 31 -9.55 11.85 25.91
C ASP C 31 -9.72 13.35 25.63
N ILE C 32 -10.14 13.68 24.40
CA ILE C 32 -10.20 15.07 23.97
C ILE C 32 -11.41 15.38 23.12
N LEU C 33 -11.89 16.61 23.22
CA LEU C 33 -12.96 17.05 22.32
C LEU C 33 -12.28 18.31 21.76
N GLU C 34 -12.38 18.50 20.45
CA GLU C 34 -11.81 19.69 19.85
C GLU C 34 -12.99 20.57 19.52
N ILE C 35 -12.90 21.85 19.86
CA ILE C 35 -14.04 22.71 19.57
C ILE C 35 -13.63 23.86 18.67
N ALA C 36 -14.59 24.43 17.93
CA ALA C 36 -14.30 25.56 17.05
C ALA C 36 -14.16 26.82 17.89
N ALA C 37 -13.20 27.66 17.58
CA ALA C 37 -13.04 28.87 18.37
C ALA C 37 -14.07 29.97 18.10
N SER C 38 -14.80 29.93 16.99
CA SER C 38 -15.64 31.10 16.72
C SER C 38 -16.74 31.52 17.72
N PRO C 39 -17.30 30.59 18.51
CA PRO C 39 -18.32 31.15 19.41
C PRO C 39 -17.74 31.69 20.72
N LEU C 40 -16.52 31.30 21.05
CA LEU C 40 -15.89 31.70 22.30
C LEU C 40 -15.75 33.21 22.66
N PRO C 41 -15.67 34.11 21.66
CA PRO C 41 -15.55 35.53 22.00
C PRO C 41 -16.91 36.05 22.49
N PHE C 42 -17.95 35.27 22.24
CA PHE C 42 -19.31 35.61 22.63
C PHE C 42 -19.67 34.97 23.98
N TYR C 43 -18.68 34.34 24.61
CA TYR C 43 -18.84 33.71 25.93
C TYR C 43 -18.49 34.65 27.10
N SER C 44 -19.35 34.65 28.11
CA SER C 44 -19.10 35.44 29.31
C SER C 44 -18.14 34.64 30.17
N ASP C 45 -17.58 35.24 31.22
CA ASP C 45 -16.69 34.48 32.07
C ASP C 45 -17.49 33.35 32.70
N ILE C 46 -18.80 33.54 32.85
CA ILE C 46 -19.61 32.49 33.42
C ILE C 46 -19.67 31.29 32.48
N GLN C 47 -19.84 31.52 31.20
CA GLN C 47 -19.88 30.40 30.25
C GLN C 47 -18.50 29.72 30.14
N ILE C 48 -17.43 30.48 30.18
CA ILE C 48 -16.10 29.89 30.12
C ILE C 48 -15.81 28.96 31.31
N ASN C 49 -16.23 29.35 32.51
CA ASN C 49 -16.03 28.51 33.70
C ASN C 49 -17.01 27.31 33.63
N GLU C 50 -18.16 27.54 33.04
CA GLU C 50 -19.18 26.51 32.90
C GLU C 50 -18.57 25.37 32.06
N LEU C 51 -18.00 25.76 30.91
CA LEU C 51 -17.40 24.81 29.97
C LEU C 51 -16.18 24.14 30.56
N LYS C 52 -15.31 24.91 31.20
CA LYS C 52 -14.12 24.35 31.80
C LYS C 52 -14.43 23.30 32.85
N ALA C 53 -15.36 23.62 33.76
CA ALA C 53 -15.74 22.70 34.83
C ALA C 53 -16.38 21.45 34.25
N CYS C 54 -17.18 21.60 33.20
CA CYS C 54 -17.81 20.45 32.57
C CYS C 54 -16.77 19.53 31.89
N ALA C 55 -15.80 20.14 31.22
CA ALA C 55 -14.77 19.33 30.59
C ALA C 55 -14.15 18.56 31.73
N HIS C 56 -13.65 19.33 32.71
CA HIS C 56 -13.00 18.78 33.89
C HIS C 56 -13.83 17.66 34.57
N GLY C 57 -15.13 17.86 34.64
CA GLY C 57 -15.96 16.86 35.26
C GLY C 57 -15.95 15.53 34.54
N ASN C 58 -16.06 15.56 33.21
CA ASN C 58 -16.09 14.33 32.40
C ASN C 58 -14.72 13.83 32.04
N GLY C 59 -13.71 14.46 32.62
CA GLY C 59 -12.34 14.06 32.37
C GLY C 59 -11.82 14.31 30.96
N ILE C 60 -12.49 15.19 30.22
CA ILE C 60 -12.12 15.51 28.85
C ILE C 60 -11.18 16.71 28.73
N THR C 61 -10.12 16.56 27.95
CA THR C 61 -9.23 17.70 27.68
C THR C 61 -9.80 18.40 26.45
N LEU C 62 -9.73 19.72 26.44
CA LEU C 62 -10.29 20.48 25.34
C LEU C 62 -9.20 21.09 24.48
N THR C 63 -9.32 20.97 23.16
CA THR C 63 -8.36 21.61 22.23
C THR C 63 -9.21 22.47 21.30
N VAL C 64 -8.61 23.46 20.65
CA VAL C 64 -9.36 24.35 19.80
C VAL C 64 -8.90 24.42 18.34
N GLY C 65 -9.87 24.51 17.45
CA GLY C 65 -9.53 24.64 16.05
C GLY C 65 -10.18 25.91 15.54
N HIS C 66 -9.53 26.58 14.60
CA HIS C 66 -10.09 27.79 14.06
C HIS C 66 -9.69 28.04 12.60
N GLY C 67 -10.71 28.26 11.76
CA GLY C 67 -10.52 28.63 10.37
C GLY C 67 -10.83 30.13 10.35
N PRO C 68 -9.79 30.99 10.45
CA PRO C 68 -9.89 32.46 10.47
C PRO C 68 -10.68 33.07 9.35
N SER C 69 -11.43 34.13 9.67
CA SER C 69 -12.21 34.84 8.64
C SER C 69 -11.24 35.82 7.96
N ALA C 70 -11.63 36.36 6.82
CA ALA C 70 -10.77 37.30 6.09
C ALA C 70 -10.37 38.49 6.99
N GLU C 71 -11.23 38.84 7.95
CA GLU C 71 -10.92 39.95 8.85
C GLU C 71 -10.00 39.63 9.96
N GLN C 72 -9.68 38.33 10.12
CA GLN C 72 -8.76 37.90 11.15
C GLN C 72 -7.46 37.45 10.51
N ASN C 73 -7.26 37.89 9.26
CA ASN C 73 -6.09 37.52 8.46
C ASN C 73 -4.74 38.14 8.84
N LEU C 74 -3.98 37.43 9.65
CA LEU C 74 -2.66 37.92 10.09
C LEU C 74 -1.66 38.25 8.99
N SER C 75 -1.91 37.77 7.77
CA SER C 75 -1.03 37.96 6.62
C SER C 75 -1.46 39.09 5.68
N SER C 76 -2.60 39.71 5.95
CA SER C 76 -3.13 40.76 5.11
C SER C 76 -2.18 41.94 4.86
N PRO C 77 -2.21 42.48 3.65
CA PRO C 77 -1.36 43.63 3.33
C PRO C 77 -1.94 44.87 4.02
N ASP C 78 -3.25 44.83 4.27
CA ASP C 78 -3.96 45.92 4.94
C ASP C 78 -3.60 45.94 6.42
N PRO C 79 -2.83 46.94 6.88
CA PRO C 79 -2.42 47.01 8.29
C PRO C 79 -3.56 47.11 9.33
N ASP C 80 -4.73 47.52 8.88
CA ASP C 80 -5.86 47.59 9.80
C ASP C 80 -6.36 46.15 10.02
N ILE C 81 -6.38 45.34 8.96
CA ILE C 81 -6.81 43.97 9.11
C ILE C 81 -5.82 43.28 10.02
N ARG C 82 -4.54 43.58 9.87
CA ARG C 82 -3.56 42.90 10.69
C ARG C 82 -3.68 43.26 12.17
N LYS C 83 -4.02 44.52 12.43
CA LYS C 83 -4.19 45.00 13.81
C LYS C 83 -5.43 44.35 14.44
N ASN C 84 -6.54 44.32 13.71
CA ASN C 84 -7.76 43.68 14.21
C ASN C 84 -7.51 42.18 14.43
N ALA C 85 -6.72 41.57 13.55
CA ALA C 85 -6.42 40.14 13.65
C ALA C 85 -5.65 39.89 14.90
N LYS C 86 -4.64 40.70 15.16
CA LYS C 86 -3.84 40.51 16.36
C LYS C 86 -4.69 40.75 17.60
N ALA C 87 -5.63 41.68 17.51
CA ALA C 87 -6.48 41.93 18.67
C ALA C 87 -7.32 40.68 18.90
N PHE C 88 -7.84 40.13 17.82
CA PHE C 88 -8.67 38.93 17.91
C PHE C 88 -8.02 37.73 18.59
N TYR C 89 -6.78 37.42 18.22
CA TYR C 89 -6.08 36.28 18.82
C TYR C 89 -5.64 36.62 20.23
N THR C 90 -5.33 37.90 20.46
CA THR C 90 -4.90 38.27 21.80
C THR C 90 -6.03 37.99 22.79
N ASP C 91 -7.25 38.33 22.37
CA ASP C 91 -8.42 38.09 23.21
C ASP C 91 -8.65 36.58 23.33
N LEU C 92 -8.71 35.91 22.18
CA LEU C 92 -8.97 34.47 22.14
C LEU C 92 -8.04 33.67 23.02
N LEU C 93 -6.76 33.95 22.93
CA LEU C 93 -5.77 33.24 23.71
C LEU C 93 -5.97 33.45 25.20
N LYS C 94 -6.45 34.63 25.59
CA LYS C 94 -6.69 34.88 27.01
C LYS C 94 -7.89 34.06 27.47
N ARG C 95 -8.87 33.88 26.59
CA ARG C 95 -10.01 33.04 26.92
C ARG C 95 -9.58 31.57 27.03
N LEU C 96 -8.64 31.17 26.17
CA LEU C 96 -8.15 29.80 26.16
C LEU C 96 -7.50 29.50 27.48
N TYR C 97 -6.75 30.47 27.97
CA TYR C 97 -6.09 30.34 29.25
C TYR C 97 -7.15 30.10 30.33
N LYS C 98 -8.22 30.89 30.32
CA LYS C 98 -9.31 30.76 31.30
C LYS C 98 -9.98 29.38 31.26
N LEU C 99 -10.01 28.81 30.06
CA LEU C 99 -10.61 27.52 29.81
C LEU C 99 -9.59 26.42 30.08
N ASP C 100 -8.35 26.81 30.35
CA ASP C 100 -7.25 25.85 30.57
C ASP C 100 -7.08 24.97 29.31
N VAL C 101 -7.09 25.64 28.15
CA VAL C 101 -6.91 25.01 26.84
C VAL C 101 -5.49 25.34 26.48
N HIS C 102 -4.69 24.33 26.18
CA HIS C 102 -3.31 24.65 25.87
C HIS C 102 -2.94 24.51 24.41
N LEU C 103 -3.94 24.44 23.53
CA LEU C 103 -3.64 24.30 22.10
C LEU C 103 -4.74 24.74 21.15
N ILE C 104 -4.37 25.58 20.19
CA ILE C 104 -5.30 26.00 19.17
C ILE C 104 -4.59 25.69 17.84
N GLY C 105 -5.35 25.31 16.81
CA GLY C 105 -4.75 24.99 15.51
C GLY C 105 -5.64 25.26 14.32
N GLY C 106 -5.00 25.40 13.15
CA GLY C 106 -5.69 25.61 11.89
C GLY C 106 -4.87 26.51 10.98
N ALA C 107 -5.50 27.17 10.03
CA ALA C 107 -4.73 28.04 9.15
C ALA C 107 -4.51 29.38 9.86
N LEU C 108 -3.90 29.33 11.06
CA LEU C 108 -3.70 30.54 11.88
C LEU C 108 -2.81 31.63 11.28
N TYR C 109 -1.98 31.27 10.30
CA TYR C 109 -1.09 32.21 9.62
C TYR C 109 -1.80 32.91 8.46
N SER C 110 -3.05 32.59 8.23
CA SER C 110 -3.73 33.16 7.09
C SER C 110 -5.22 33.23 7.45
N TYR C 111 -6.09 32.84 6.52
CA TYR C 111 -7.53 32.75 6.80
C TYR C 111 -8.05 31.51 6.03
N TRP C 112 -9.24 31.04 6.35
CA TRP C 112 -9.79 29.82 5.74
C TRP C 112 -11.32 29.83 5.64
N PRO C 113 -11.86 29.40 4.51
CA PRO C 113 -11.08 28.92 3.37
C PRO C 113 -10.63 30.14 2.52
N ILE C 114 -9.58 30.01 1.72
CA ILE C 114 -9.14 31.15 0.93
C ILE C 114 -10.11 31.45 -0.18
N ASP C 115 -10.27 32.72 -0.53
CA ASP C 115 -11.13 33.02 -1.67
C ASP C 115 -10.24 33.29 -2.88
N TYR C 116 -10.09 32.29 -3.72
CA TYR C 116 -9.22 32.42 -4.86
C TYR C 116 -9.65 33.42 -5.92
N THR C 117 -10.80 34.06 -5.74
CA THR C 117 -11.19 35.05 -6.74
C THR C 117 -10.40 36.30 -6.44
N LYS C 118 -9.75 36.33 -5.28
CA LYS C 118 -8.97 37.50 -4.90
C LYS C 118 -7.56 37.46 -5.47
N THR C 119 -6.75 38.42 -5.01
CA THR C 119 -5.35 38.60 -5.44
C THR C 119 -4.37 37.88 -4.49
N ILE C 120 -3.46 37.09 -5.07
CA ILE C 120 -2.49 36.35 -4.26
C ILE C 120 -1.11 36.96 -4.32
N ASP C 121 -0.46 37.02 -3.17
CA ASP C 121 0.88 37.52 -3.10
C ASP C 121 1.51 36.61 -2.08
N LYS C 122 1.78 35.38 -2.50
CA LYS C 122 2.34 34.40 -1.58
C LYS C 122 3.58 34.94 -0.89
N LYS C 123 4.49 35.50 -1.69
CA LYS C 123 5.72 36.01 -1.13
C LYS C 123 5.48 37.12 -0.13
N GLY C 124 4.60 38.06 -0.50
CA GLY C 124 4.25 39.15 0.38
C GLY C 124 3.48 38.63 1.62
N ASP C 125 2.42 37.87 1.39
CA ASP C 125 1.63 37.35 2.52
C ASP C 125 2.50 36.50 3.43
N TRP C 126 3.44 35.76 2.85
CA TRP C 126 4.29 34.92 3.67
C TRP C 126 5.13 35.72 4.68
N GLU C 127 5.74 36.81 4.20
CA GLU C 127 6.58 37.64 5.06
C GLU C 127 5.74 38.37 6.12
N ARG C 128 4.61 38.95 5.72
CA ARG C 128 3.77 39.62 6.71
C ARG C 128 3.28 38.63 7.75
N SER C 129 2.96 37.42 7.32
CA SER C 129 2.47 36.40 8.22
C SER C 129 3.49 36.01 9.27
N VAL C 130 4.70 35.71 8.84
CA VAL C 130 5.75 35.33 9.76
C VAL C 130 5.92 36.41 10.82
N GLU C 131 5.80 37.66 10.40
CA GLU C 131 5.95 38.77 11.34
C GLU C 131 4.79 38.83 12.33
N SER C 132 3.55 38.75 11.85
CA SER C 132 2.37 38.78 12.72
C SER C 132 2.34 37.61 13.71
N VAL C 133 2.57 36.39 13.21
CA VAL C 133 2.53 35.20 14.04
C VAL C 133 3.53 35.23 15.20
N ARG C 134 4.73 35.72 14.93
CA ARG C 134 5.75 35.79 15.95
C ARG C 134 5.22 36.70 17.08
N GLU C 135 4.52 37.77 16.69
CA GLU C 135 3.95 38.67 17.69
C GLU C 135 2.89 37.92 18.50
N VAL C 136 1.87 37.39 17.80
CA VAL C 136 0.80 36.66 18.47
C VAL C 136 1.39 35.57 19.35
N ALA C 137 2.50 35.00 18.90
CA ALA C 137 3.18 33.94 19.63
C ALA C 137 3.61 34.36 21.04
N LYS C 138 3.87 35.63 21.27
CA LYS C 138 4.30 36.03 22.62
C LYS C 138 3.09 35.92 23.53
N VAL C 139 1.94 36.33 23.02
CA VAL C 139 0.69 36.27 23.77
C VAL C 139 0.32 34.82 24.03
N ALA C 140 0.72 33.93 23.11
CA ALA C 140 0.45 32.51 23.25
C ALA C 140 1.33 31.93 24.34
N GLU C 141 2.59 32.35 24.37
CA GLU C 141 3.51 31.87 25.40
C GLU C 141 2.91 32.22 26.75
N ALA C 142 2.55 33.50 26.90
CA ALA C 142 1.95 34.01 28.12
C ALA C 142 0.70 33.23 28.52
N CYS C 143 -0.17 32.86 27.58
CA CYS C 143 -1.38 32.13 27.95
C CYS C 143 -1.21 30.62 28.05
N GLY C 144 0.04 30.18 27.92
CA GLY C 144 0.33 28.76 28.01
C GLY C 144 -0.26 27.97 26.85
N VAL C 145 -0.38 28.62 25.69
CA VAL C 145 -0.96 27.98 24.50
C VAL C 145 0.02 27.69 23.37
N ASP C 146 -0.15 26.52 22.77
CA ASP C 146 0.66 26.10 21.62
C ASP C 146 -0.11 26.54 20.38
N PHE C 147 0.47 27.48 19.64
CA PHE C 147 -0.12 28.03 18.43
C PHE C 147 0.31 27.10 17.27
N CYS C 148 -0.56 26.19 16.87
CA CYS C 148 -0.26 25.21 15.81
C CYS C 148 -0.68 25.63 14.40
N LEU C 149 0.29 25.67 13.49
CA LEU C 149 0.09 26.11 12.11
C LEU C 149 -0.12 24.86 11.25
N GLU C 150 -1.35 24.66 10.77
CA GLU C 150 -1.72 23.48 9.99
C GLU C 150 -1.34 23.60 8.53
N VAL C 151 -0.77 22.53 8.01
CA VAL C 151 -0.36 22.49 6.61
C VAL C 151 -1.59 22.06 5.85
N LEU C 152 -2.03 22.82 4.86
CA LEU C 152 -3.25 22.48 4.12
C LEU C 152 -3.00 22.19 2.64
N ASN C 153 -3.94 21.51 1.99
CA ASN C 153 -3.79 21.24 0.56
C ASN C 153 -3.99 22.58 -0.20
N ARG C 154 -3.55 22.58 -1.45
CA ARG C 154 -3.57 23.74 -2.34
C ARG C 154 -4.94 24.37 -2.57
N PHE C 155 -6.00 23.60 -2.43
CA PHE C 155 -7.33 24.14 -2.67
C PHE C 155 -7.87 24.92 -1.48
N GLU C 156 -7.19 24.83 -0.35
CA GLU C 156 -7.68 25.48 0.84
C GLU C 156 -6.81 26.60 1.34
N ASN C 157 -5.55 26.59 0.93
CA ASN C 157 -4.59 27.60 1.31
C ASN C 157 -3.41 27.52 0.32
N TYR C 158 -2.71 28.63 0.11
CA TYR C 158 -1.59 28.66 -0.83
C TYR C 158 -0.26 28.95 -0.14
N LEU C 159 -0.29 29.28 1.14
CA LEU C 159 0.93 29.61 1.84
C LEU C 159 1.81 28.43 2.28
N ILE C 160 1.18 27.42 2.87
CA ILE C 160 1.93 26.27 3.38
C ILE C 160 1.19 25.01 2.98
N ASN C 161 1.72 24.30 1.99
CA ASN C 161 1.07 23.09 1.48
C ASN C 161 1.81 21.78 1.83
N THR C 162 3.03 21.87 2.36
CA THR C 162 3.76 20.64 2.70
C THR C 162 4.42 20.81 4.03
N ALA C 163 4.72 19.70 4.68
CA ALA C 163 5.41 19.72 5.98
C ALA C 163 6.71 20.53 5.91
N GLN C 164 7.45 20.37 4.82
CA GLN C 164 8.69 21.13 4.66
C GLN C 164 8.41 22.65 4.68
N GLU C 165 7.38 23.09 3.97
CA GLU C 165 7.06 24.51 3.98
C GLU C 165 6.68 24.91 5.41
N GLY C 166 5.87 24.07 6.06
CA GLY C 166 5.43 24.35 7.42
C GLY C 166 6.62 24.50 8.34
N VAL C 167 7.60 23.62 8.17
CA VAL C 167 8.79 23.69 8.97
C VAL C 167 9.60 24.97 8.66
N ASP C 168 9.67 25.38 7.40
CA ASP C 168 10.41 26.58 7.04
C ASP C 168 9.77 27.80 7.67
N PHE C 169 8.44 27.82 7.64
CA PHE C 169 7.71 28.94 8.21
C PHE C 169 7.90 29.00 9.75
N VAL C 170 7.77 27.86 10.43
CA VAL C 170 7.93 27.85 11.87
C VAL C 170 9.36 28.20 12.29
N LYS C 171 10.37 27.68 11.58
CA LYS C 171 11.77 28.00 11.88
C LYS C 171 12.01 29.48 11.69
N GLN C 172 11.38 30.04 10.67
CA GLN C 172 11.56 31.46 10.40
C GLN C 172 10.91 32.29 11.54
N VAL C 173 9.70 31.90 11.96
CA VAL C 173 9.01 32.62 13.03
C VAL C 173 9.93 32.58 14.26
N ASP C 174 10.55 31.42 14.47
CA ASP C 174 11.47 31.16 15.58
C ASP C 174 10.98 31.50 16.97
N HIS C 175 9.88 30.86 17.39
CA HIS C 175 9.33 31.05 18.72
C HIS C 175 8.78 29.76 19.30
N ASN C 176 9.25 29.43 20.49
CA ASN C 176 8.86 28.22 21.19
C ASN C 176 7.40 27.77 21.13
N ASN C 177 6.46 28.71 21.18
CA ASN C 177 5.05 28.32 21.16
C ASN C 177 4.41 28.06 19.81
N VAL C 178 5.17 28.19 18.73
CA VAL C 178 4.64 27.95 17.39
C VAL C 178 5.07 26.53 16.97
N LYS C 179 4.12 25.72 16.52
CA LYS C 179 4.44 24.35 16.11
C LYS C 179 3.85 24.08 14.74
N VAL C 180 4.30 23.01 14.09
CA VAL C 180 3.71 22.66 12.81
C VAL C 180 2.58 21.70 13.14
N MET C 181 1.52 21.74 12.34
CA MET C 181 0.42 20.81 12.57
C MET C 181 0.19 20.08 11.27
N LEU C 182 0.00 18.77 11.34
CA LEU C 182 -0.25 18.01 10.11
C LEU C 182 -1.62 17.41 10.20
N ASP C 183 -2.18 17.10 9.03
CA ASP C 183 -3.52 16.52 8.88
C ASP C 183 -3.44 15.45 7.77
N THR C 184 -3.75 14.19 8.07
CA THR C 184 -3.69 13.13 7.04
C THR C 184 -4.50 13.36 5.77
N PHE C 185 -5.59 14.13 5.87
CA PHE C 185 -6.39 14.41 4.68
C PHE C 185 -5.59 15.36 3.77
N HIS C 186 -4.85 16.29 4.38
CA HIS C 186 -4.09 17.26 3.60
C HIS C 186 -2.78 16.68 3.08
N MET C 187 -2.12 15.86 3.89
CA MET C 187 -0.87 15.20 3.48
C MET C 187 -1.18 14.22 2.32
N ASN C 188 -2.35 13.61 2.35
CA ASN C 188 -2.73 12.69 1.30
C ASN C 188 -2.64 13.32 -0.10
N ILE C 189 -2.97 14.61 -0.21
CA ILE C 189 -2.91 15.29 -1.51
C ILE C 189 -1.48 15.75 -1.84
N GLU C 190 -0.91 16.55 -0.97
CA GLU C 190 0.38 17.19 -1.21
C GLU C 190 1.73 16.50 -1.02
N GLU C 191 1.83 15.51 -0.15
CA GLU C 191 3.13 14.91 0.15
C GLU C 191 3.63 13.79 -0.76
N ASP C 192 4.95 13.74 -0.95
CA ASP C 192 5.54 12.65 -1.72
C ASP C 192 5.53 11.41 -0.80
N SER C 193 5.75 11.60 0.50
CA SER C 193 5.79 10.50 1.49
C SER C 193 5.00 10.90 2.78
N ILE C 194 4.20 10.01 3.34
CA ILE C 194 3.45 10.36 4.55
C ILE C 194 4.42 10.23 5.74
N GLY C 195 5.13 9.11 5.83
CA GLY C 195 6.07 8.89 6.92
C GLY C 195 7.15 9.94 6.82
N GLY C 196 7.51 10.25 5.57
CA GLY C 196 8.53 11.26 5.34
C GLY C 196 8.09 12.63 5.82
N ALA C 197 6.82 12.99 5.59
CA ALA C 197 6.33 14.32 6.01
C ALA C 197 6.33 14.39 7.53
N ILE C 198 5.91 13.32 8.20
CA ILE C 198 5.88 13.30 9.67
C ILE C 198 7.30 13.52 10.17
N ARG C 199 8.24 12.74 9.63
CA ARG C 199 9.62 12.84 10.05
C ARG C 199 10.21 14.21 9.76
N THR C 200 9.84 14.82 8.65
CA THR C 200 10.34 16.16 8.35
C THR C 200 9.82 17.11 9.45
N ALA C 201 8.53 16.94 9.84
CA ALA C 201 7.90 17.75 10.89
C ALA C 201 8.75 17.58 12.15
N GLY C 202 9.09 16.36 12.50
CA GLY C 202 9.96 16.14 13.63
C GLY C 202 9.55 16.79 14.95
N SER C 203 10.50 17.37 15.66
CA SER C 203 10.16 17.95 16.95
C SER C 203 9.21 19.15 16.82
N TYR C 204 9.07 19.70 15.62
CA TYR C 204 8.16 20.83 15.46
C TYR C 204 6.69 20.41 15.40
N LEU C 205 6.42 19.12 15.25
CA LEU C 205 5.04 18.68 15.16
C LEU C 205 4.32 18.83 16.53
N GLY C 206 3.26 19.60 16.57
CA GLY C 206 2.56 19.79 17.82
C GLY C 206 1.10 19.38 17.84
N HIS C 207 0.58 18.93 16.72
CA HIS C 207 -0.81 18.50 16.68
C HIS C 207 -1.03 17.71 15.40
N LEU C 208 -1.90 16.71 15.47
CA LEU C 208 -2.21 15.89 14.33
C LEU C 208 -3.71 15.64 14.21
N HIS C 209 -4.23 15.97 13.02
CA HIS C 209 -5.59 15.73 12.60
C HIS C 209 -5.62 14.45 11.73
N THR C 210 -6.68 13.65 11.85
CA THR C 210 -6.77 12.42 11.10
C THR C 210 -8.10 12.28 10.45
N GLY C 211 -8.10 11.59 9.32
CA GLY C 211 -9.29 11.35 8.55
C GLY C 211 -8.83 10.61 7.31
N GLU C 212 -9.77 9.93 6.67
CA GLU C 212 -9.43 9.17 5.48
C GLU C 212 -9.31 10.13 4.32
N CYS C 213 -8.82 9.61 3.19
CA CYS C 213 -8.62 10.40 1.97
C CYS C 213 -9.82 11.27 1.60
N ASN C 214 -11.04 10.75 1.78
CA ASN C 214 -12.26 11.48 1.49
C ASN C 214 -12.99 11.92 2.80
N ARG C 215 -12.23 11.95 3.89
CA ARG C 215 -12.67 12.45 5.20
C ARG C 215 -13.54 11.60 6.11
N LYS C 216 -13.68 10.31 5.78
CA LYS C 216 -14.46 9.40 6.61
C LYS C 216 -13.66 9.16 7.87
N VAL C 217 -14.23 8.45 8.81
CA VAL C 217 -13.47 8.21 10.04
C VAL C 217 -12.26 7.35 9.73
N PRO C 218 -11.21 7.51 10.51
CA PRO C 218 -10.01 6.72 10.26
C PRO C 218 -10.19 5.20 10.26
N GLY C 219 -9.43 4.54 9.38
CA GLY C 219 -9.41 3.09 9.36
C GLY C 219 -9.88 2.21 8.23
N ARG C 220 -10.93 2.60 7.54
CA ARG C 220 -11.43 1.73 6.50
C ARG C 220 -11.12 2.24 5.09
N GLY C 221 -10.29 3.28 5.01
CA GLY C 221 -9.89 3.86 3.73
C GLY C 221 -8.44 3.52 3.29
N ARG C 222 -7.85 4.41 2.51
CA ARG C 222 -6.54 4.20 1.97
C ARG C 222 -5.39 4.89 2.69
N ILE C 223 -5.67 5.63 3.75
CA ILE C 223 -4.60 6.30 4.44
C ILE C 223 -3.62 5.27 5.03
N PRO C 224 -2.32 5.50 4.92
CA PRO C 224 -1.44 4.45 5.49
C PRO C 224 -1.19 4.58 7.01
N TRP C 225 -2.18 4.18 7.79
CA TRP C 225 -2.13 4.29 9.26
C TRP C 225 -0.93 3.63 9.93
N VAL C 226 -0.55 2.42 9.46
CA VAL C 226 0.60 1.76 10.09
C VAL C 226 1.86 2.60 9.85
N GLU C 227 2.01 3.09 8.62
CA GLU C 227 3.16 3.91 8.34
C GLU C 227 3.16 5.17 9.24
N ILE C 228 1.97 5.75 9.48
CA ILE C 228 1.87 6.92 10.37
C ILE C 228 2.32 6.56 11.82
N GLY C 229 1.81 5.48 12.39
CA GLY C 229 2.27 5.08 13.72
C GLY C 229 3.80 4.98 13.81
N GLU C 230 4.40 4.36 12.80
CA GLU C 230 5.87 4.21 12.77
C GLU C 230 6.56 5.53 12.79
N ALA C 231 6.11 6.44 11.92
CA ALA C 231 6.77 7.73 11.86
C ALA C 231 6.56 8.53 13.17
N LEU C 232 5.36 8.46 13.74
CA LEU C 232 5.10 9.18 14.99
C LEU C 232 6.07 8.66 16.05
N ALA C 233 6.32 7.35 16.01
CA ALA C 233 7.26 6.71 16.94
C ALA C 233 8.68 7.12 16.63
N ASP C 234 9.02 7.16 15.35
CA ASP C 234 10.37 7.56 14.96
C ASP C 234 10.68 8.97 15.49
N ILE C 235 9.72 9.89 15.49
CA ILE C 235 9.98 11.25 16.00
C ILE C 235 9.57 11.40 17.47
N GLY C 236 9.15 10.32 18.11
CA GLY C 236 8.77 10.39 19.51
C GLY C 236 7.68 11.41 19.74
N TYR C 237 6.60 11.28 18.99
CA TYR C 237 5.50 12.20 19.13
C TYR C 237 4.70 11.83 20.37
N ASN C 238 4.47 12.81 21.23
CA ASN C 238 3.70 12.57 22.45
C ASN C 238 2.32 13.30 22.33
N GLY C 239 2.29 14.41 21.59
CA GLY C 239 1.06 15.18 21.41
C GLY C 239 -0.26 14.45 21.23
N SER C 240 -1.30 15.17 20.88
CA SER C 240 -2.57 14.50 20.71
C SER C 240 -2.82 14.21 19.25
N VAL C 241 -3.82 13.38 19.01
CA VAL C 241 -4.23 12.99 17.68
C VAL C 241 -5.73 13.19 17.67
N VAL C 242 -6.22 14.12 16.84
CA VAL C 242 -7.65 14.37 16.77
C VAL C 242 -8.31 14.00 15.42
N MET C 243 -9.27 13.08 15.44
CA MET C 243 -9.95 12.73 14.17
C MET C 243 -10.91 13.84 13.80
N GLU C 244 -10.96 14.14 12.51
CA GLU C 244 -11.75 15.24 12.04
C GLU C 244 -12.58 14.78 10.86
N PRO C 245 -13.46 13.82 11.10
CA PRO C 245 -14.26 13.35 9.97
C PRO C 245 -15.41 14.25 9.57
N PHE C 246 -15.70 14.31 8.27
CA PHE C 246 -16.79 15.11 7.77
C PHE C 246 -17.53 14.25 6.78
N VAL C 247 -18.74 13.82 7.15
CA VAL C 247 -19.47 12.93 6.27
C VAL C 247 -20.88 13.34 5.92
N ARG C 248 -21.23 14.56 6.27
CA ARG C 248 -22.58 15.08 6.05
C ARG C 248 -22.62 16.34 5.23
N MET C 249 -23.58 16.41 4.30
CA MET C 249 -23.73 17.60 3.46
C MET C 249 -24.55 18.63 4.28
N GLY C 250 -24.56 19.90 3.82
CA GLY C 250 -25.35 20.94 4.47
C GLY C 250 -24.67 21.93 5.37
N GLY C 251 -25.19 23.15 5.38
CA GLY C 251 -24.64 24.14 6.25
C GLY C 251 -23.30 24.72 5.88
N THR C 252 -22.75 25.52 6.77
CA THR C 252 -21.47 26.17 6.57
C THR C 252 -20.36 25.14 6.53
N VAL C 253 -20.42 24.15 7.43
CA VAL C 253 -19.40 23.11 7.51
C VAL C 253 -19.37 22.32 6.20
N GLY C 254 -20.55 21.93 5.71
CA GLY C 254 -20.63 21.16 4.49
C GLY C 254 -20.15 21.91 3.26
N SER C 255 -20.42 23.22 3.22
CA SER C 255 -20.04 24.06 2.10
C SER C 255 -18.55 24.39 2.20
N ASN C 256 -18.07 24.66 3.40
CA ASN C 256 -16.65 24.96 3.62
C ASN C 256 -15.76 23.73 3.32
N ILE C 257 -16.21 22.55 3.74
CA ILE C 257 -15.47 21.29 3.54
C ILE C 257 -15.72 20.67 2.15
N LYS C 258 -16.76 21.17 1.47
CA LYS C 258 -17.15 20.72 0.13
C LYS C 258 -17.60 19.29 0.05
N VAL C 259 -18.60 18.99 0.85
CA VAL C 259 -19.17 17.65 0.92
C VAL C 259 -20.41 17.70 0.03
N TRP C 260 -20.32 17.07 -1.14
CA TRP C 260 -21.40 17.17 -2.07
C TRP C 260 -22.20 15.93 -2.28
N ARG C 261 -22.07 14.95 -1.40
CA ARG C 261 -22.85 13.73 -1.52
C ARG C 261 -22.93 13.26 -0.11
N ASP C 262 -23.88 12.40 0.17
CA ASP C 262 -23.97 11.93 1.54
C ASP C 262 -22.95 10.84 1.81
N ILE C 263 -21.75 11.22 2.21
CA ILE C 263 -20.67 10.29 2.53
C ILE C 263 -21.06 9.38 3.71
N SER C 264 -21.87 9.86 4.65
CA SER C 264 -22.24 9.05 5.82
C SER C 264 -23.21 7.93 5.44
N ASN C 265 -23.82 8.09 4.27
CA ASN C 265 -24.75 7.09 3.79
C ASN C 265 -25.93 6.87 4.77
N GLY C 266 -26.62 7.95 5.12
CA GLY C 266 -27.77 7.85 6.00
C GLY C 266 -27.51 7.67 7.48
N ALA C 267 -26.26 7.76 7.93
CA ALA C 267 -25.96 7.59 9.36
C ALA C 267 -26.80 8.53 10.27
N ASP C 268 -27.45 7.96 11.28
CA ASP C 268 -28.19 8.80 12.23
C ASP C 268 -27.17 9.01 13.32
N GLU C 269 -27.53 9.77 14.35
CA GLU C 269 -26.56 10.05 15.39
C GLU C 269 -25.94 8.86 16.09
N LYS C 270 -26.72 7.83 16.35
CA LYS C 270 -26.18 6.66 17.04
C LYS C 270 -25.17 5.94 16.16
N MET C 271 -25.46 5.87 14.88
CA MET C 271 -24.55 5.22 13.94
C MET C 271 -23.24 6.04 13.89
N LEU C 272 -23.36 7.37 13.81
CA LEU C 272 -22.17 8.23 13.79
C LEU C 272 -21.35 7.98 15.03
N ASP C 273 -22.01 7.84 16.19
CA ASP C 273 -21.29 7.58 17.44
C ASP C 273 -20.56 6.24 17.37
N ARG C 274 -21.23 5.24 16.82
CA ARG C 274 -20.65 3.88 16.75
C ARG C 274 -19.35 3.89 15.93
N GLU C 275 -19.41 4.49 14.75
CA GLU C 275 -18.23 4.58 13.88
C GLU C 275 -17.11 5.42 14.51
N ALA C 276 -17.46 6.50 15.21
CA ALA C 276 -16.41 7.27 15.80
C ALA C 276 -15.74 6.42 16.86
N GLN C 277 -16.53 5.66 17.62
CA GLN C 277 -15.99 4.81 18.68
C GLN C 277 -15.09 3.70 18.10
N ALA C 278 -15.55 3.08 17.03
CA ALA C 278 -14.76 2.02 16.38
C ALA C 278 -13.48 2.63 15.81
N ALA C 279 -13.60 3.82 15.20
CA ALA C 279 -12.43 4.48 14.63
C ALA C 279 -11.45 4.85 15.74
N LEU C 280 -11.98 5.20 16.91
CA LEU C 280 -11.10 5.53 18.05
C LEU C 280 -10.39 4.24 18.53
N ASP C 281 -11.09 3.11 18.53
CA ASP C 281 -10.43 1.86 18.97
C ASP C 281 -9.29 1.56 17.95
N PHE C 282 -9.63 1.70 16.68
CA PHE C 282 -8.64 1.50 15.62
C PHE C 282 -7.41 2.36 15.83
N SER C 283 -7.59 3.66 16.07
CA SER C 283 -6.46 4.58 16.20
C SER C 283 -5.55 4.29 17.36
N ARG C 284 -6.11 3.93 18.51
CA ARG C 284 -5.25 3.61 19.66
C ARG C 284 -4.45 2.32 19.35
N TYR C 285 -5.11 1.37 18.72
CA TYR C 285 -4.46 0.10 18.40
C TYR C 285 -3.30 0.25 17.38
N VAL C 286 -3.63 0.81 16.22
CA VAL C 286 -2.67 0.96 15.13
C VAL C 286 -1.65 2.05 15.27
N LEU C 287 -2.07 3.22 15.76
CA LEU C 287 -1.17 4.33 15.88
C LEU C 287 -0.21 4.33 17.05
N GLU C 288 -0.51 3.64 18.13
CA GLU C 288 0.38 3.73 19.27
C GLU C 288 1.57 2.80 19.30
N CYS C 289 2.60 3.26 19.99
CA CYS C 289 3.87 2.54 20.18
C CYS C 289 4.35 1.84 18.92
N MET D 1 -20.01 -11.07 9.40
CA MET D 1 -19.35 -12.36 9.30
C MET D 1 -18.87 -12.83 10.68
N LYS D 2 -18.71 -14.13 10.83
CA LYS D 2 -18.28 -14.68 12.10
C LYS D 2 -16.77 -14.75 12.23
N HIS D 3 -16.27 -14.27 13.36
CA HIS D 3 -14.85 -14.23 13.63
C HIS D 3 -14.39 -15.20 14.68
N GLY D 4 -13.26 -15.84 14.42
CA GLY D 4 -12.70 -16.81 15.36
C GLY D 4 -11.20 -16.73 15.47
N ILE D 5 -10.63 -17.64 16.24
CA ILE D 5 -9.20 -17.69 16.42
C ILE D 5 -8.83 -19.15 16.68
N TYR D 6 -7.62 -19.51 16.26
CA TYR D 6 -7.12 -20.88 16.42
C TYR D 6 -6.52 -20.99 17.83
N TYR D 7 -6.90 -22.04 18.57
CA TYR D 7 -6.42 -22.23 19.92
C TYR D 7 -4.88 -22.29 20.00
N ALA D 8 -4.22 -22.76 18.92
CA ALA D 8 -2.77 -22.91 18.89
C ALA D 8 -2.04 -21.63 19.17
N TYR D 9 -2.75 -20.52 19.09
CA TYR D 9 -2.18 -19.21 19.44
C TYR D 9 -1.65 -19.27 20.87
N TRP D 10 -2.31 -20.07 21.70
CA TRP D 10 -1.89 -20.22 23.10
C TRP D 10 -1.08 -21.51 23.42
N GLU D 11 -1.09 -22.48 22.50
CA GLU D 11 -0.44 -23.77 22.75
C GLU D 11 0.70 -24.19 21.80
N GLN D 12 1.60 -25.04 22.30
CA GLN D 12 2.74 -25.49 21.52
C GLN D 12 2.66 -26.88 20.92
N GLU D 13 1.51 -27.53 21.09
CA GLU D 13 1.31 -28.87 20.54
C GLU D 13 -0.02 -28.83 19.88
N TRP D 14 -0.24 -29.75 18.94
CA TRP D 14 -1.49 -29.83 18.19
C TRP D 14 -2.67 -30.46 18.90
N GLU D 15 -2.83 -30.08 20.18
CA GLU D 15 -3.94 -30.55 21.01
C GLU D 15 -3.92 -29.68 22.25
N ALA D 16 -5.03 -29.68 22.96
CA ALA D 16 -5.11 -28.92 24.20
C ALA D 16 -6.48 -29.14 24.80
N ASP D 17 -6.69 -28.61 26.00
CA ASP D 17 -8.02 -28.75 26.59
C ASP D 17 -8.85 -27.71 25.86
N TYR D 18 -9.62 -28.13 24.86
CA TYR D 18 -10.41 -27.19 24.09
C TYR D 18 -11.50 -26.51 24.89
N LYS D 19 -11.89 -27.09 26.00
CA LYS D 19 -12.95 -26.47 26.81
C LYS D 19 -12.42 -25.20 27.45
N TYR D 20 -11.21 -25.24 27.94
CA TYR D 20 -10.58 -24.08 28.53
C TYR D 20 -10.58 -22.93 27.50
N TYR D 21 -10.31 -23.24 26.22
CA TYR D 21 -10.27 -22.21 25.17
C TYR D 21 -11.65 -21.74 24.68
N ILE D 22 -12.66 -22.62 24.68
CA ILE D 22 -14.01 -22.20 24.28
C ILE D 22 -14.47 -21.09 25.27
N GLU D 23 -14.11 -21.25 26.55
CA GLU D 23 -14.51 -20.28 27.56
C GLU D 23 -13.68 -19.02 27.46
N LYS D 24 -12.39 -19.15 27.17
CA LYS D 24 -11.54 -18.00 27.03
C LYS D 24 -11.99 -17.09 25.90
N VAL D 25 -12.13 -17.64 24.71
CA VAL D 25 -12.53 -16.83 23.55
C VAL D 25 -13.97 -16.35 23.58
N ALA D 26 -14.81 -17.08 24.31
CA ALA D 26 -16.21 -16.66 24.42
C ALA D 26 -16.16 -15.35 25.18
N LYS D 27 -15.31 -15.33 26.20
CA LYS D 27 -15.16 -14.15 27.02
C LYS D 27 -14.52 -13.03 26.21
N LEU D 28 -13.42 -13.33 25.54
CA LEU D 28 -12.75 -12.33 24.74
C LEU D 28 -13.68 -11.76 23.67
N GLY D 29 -14.81 -12.40 23.39
CA GLY D 29 -15.74 -11.86 22.39
C GLY D 29 -15.83 -12.52 21.02
N PHE D 30 -14.97 -13.51 20.76
CA PHE D 30 -14.96 -14.24 19.49
C PHE D 30 -16.22 -15.06 19.26
N ASP D 31 -16.65 -15.21 18.01
CA ASP D 31 -17.80 -16.06 17.68
C ASP D 31 -17.37 -17.50 17.46
N ILE D 32 -16.09 -17.71 17.11
CA ILE D 32 -15.61 -19.04 16.79
C ILE D 32 -14.30 -19.43 17.43
N LEU D 33 -14.16 -20.70 17.75
CA LEU D 33 -12.88 -21.19 18.23
C LEU D 33 -12.51 -22.24 17.20
N GLU D 34 -11.27 -22.22 16.68
CA GLU D 34 -10.86 -23.26 15.75
C GLU D 34 -9.94 -24.21 16.54
N ILE D 35 -10.17 -25.51 16.35
CA ILE D 35 -9.39 -26.51 17.08
C ILE D 35 -8.68 -27.51 16.15
N ALA D 36 -7.52 -28.01 16.57
CA ALA D 36 -6.78 -28.94 15.74
C ALA D 36 -7.48 -30.30 15.75
N ALA D 37 -7.55 -30.94 14.59
CA ALA D 37 -8.23 -32.23 14.51
C ALA D 37 -7.45 -33.38 15.14
N SER D 38 -6.13 -33.25 15.22
CA SER D 38 -5.27 -34.30 15.75
C SER D 38 -5.82 -35.12 16.94
N PRO D 39 -6.04 -34.50 18.12
CA PRO D 39 -6.55 -35.32 19.24
C PRO D 39 -7.99 -35.83 19.12
N LEU D 40 -8.74 -35.36 18.14
CA LEU D 40 -10.14 -35.79 18.05
C LEU D 40 -10.40 -37.29 17.93
N PRO D 41 -9.65 -38.02 17.09
CA PRO D 41 -9.86 -39.49 16.95
C PRO D 41 -9.64 -40.29 18.27
N PHE D 42 -9.07 -39.66 19.28
CA PHE D 42 -8.86 -40.30 20.56
C PHE D 42 -9.99 -39.89 21.55
N TYR D 43 -10.97 -39.13 21.06
CA TYR D 43 -12.11 -38.72 21.88
C TYR D 43 -13.10 -39.87 21.83
N SER D 44 -13.60 -40.24 23.00
CA SER D 44 -14.59 -41.30 23.10
C SER D 44 -15.91 -40.64 22.69
N ASP D 45 -16.98 -41.42 22.51
CA ASP D 45 -18.24 -40.83 22.12
C ASP D 45 -18.76 -39.88 23.20
N ILE D 46 -18.34 -40.11 24.44
CA ILE D 46 -18.77 -39.23 25.51
C ILE D 46 -17.95 -37.95 25.50
N GLN D 47 -16.64 -38.06 25.30
CA GLN D 47 -15.79 -36.87 25.30
C GLN D 47 -16.27 -35.89 24.21
N ILE D 48 -16.77 -36.45 23.10
CA ILE D 48 -17.27 -35.65 21.99
C ILE D 48 -18.44 -34.77 22.43
N ASN D 49 -19.44 -35.41 23.05
CA ASN D 49 -20.65 -34.74 23.53
C ASN D 49 -20.40 -33.63 24.55
N GLU D 50 -19.47 -33.83 25.47
CA GLU D 50 -19.19 -32.77 26.44
C GLU D 50 -18.46 -31.60 25.77
N LEU D 51 -17.59 -31.89 24.79
CA LEU D 51 -16.88 -30.80 24.08
C LEU D 51 -17.97 -29.99 23.40
N LYS D 52 -18.83 -30.66 22.67
CA LYS D 52 -19.93 -29.98 22.00
C LYS D 52 -20.80 -29.25 23.02
N ALA D 53 -21.05 -29.91 24.16
CA ALA D 53 -21.88 -29.28 25.17
C ALA D 53 -21.18 -28.00 25.61
N CYS D 54 -19.89 -28.11 25.88
CA CYS D 54 -19.12 -26.98 26.35
C CYS D 54 -19.17 -25.83 25.40
N ALA D 55 -19.26 -26.13 24.10
CA ALA D 55 -19.28 -25.09 23.07
C ALA D 55 -20.63 -24.38 23.00
N HIS D 56 -21.71 -25.18 22.95
CA HIS D 56 -23.08 -24.65 22.87
C HIS D 56 -23.38 -23.80 24.10
N GLY D 57 -22.85 -24.22 25.23
CA GLY D 57 -23.10 -23.50 26.47
C GLY D 57 -22.46 -22.14 26.47
N ASN D 58 -21.36 -22.00 25.73
CA ASN D 58 -20.67 -20.73 25.69
C ASN D 58 -20.99 -19.85 24.48
N GLY D 59 -21.91 -20.29 23.62
CA GLY D 59 -22.23 -19.50 22.45
C GLY D 59 -21.13 -19.46 21.39
N ILE D 60 -20.16 -20.36 21.48
CA ILE D 60 -19.04 -20.45 20.55
C ILE D 60 -19.26 -21.53 19.48
N THR D 61 -18.97 -21.21 18.21
CA THR D 61 -19.09 -22.16 17.08
C THR D 61 -17.70 -22.74 16.88
N LEU D 62 -17.67 -24.04 16.57
CA LEU D 62 -16.42 -24.74 16.42
C LEU D 62 -16.06 -25.07 14.98
N THR D 63 -14.83 -24.72 14.58
CA THR D 63 -14.34 -25.08 13.25
C THR D 63 -13.09 -25.89 13.48
N VAL D 64 -12.72 -26.72 12.51
CA VAL D 64 -11.54 -27.53 12.67
C VAL D 64 -10.43 -27.31 11.64
N GLY D 65 -9.19 -27.27 12.10
CA GLY D 65 -8.06 -27.15 11.20
C GLY D 65 -7.30 -28.46 11.31
N HIS D 66 -6.56 -28.83 10.25
CA HIS D 66 -5.80 -30.08 10.24
C HIS D 66 -4.63 -30.15 9.26
N GLY D 67 -3.43 -30.36 9.79
CA GLY D 67 -2.23 -30.52 8.94
C GLY D 67 -2.03 -32.04 8.95
N PRO D 68 -2.49 -32.78 7.91
CA PRO D 68 -2.37 -34.24 7.81
C PRO D 68 -1.01 -34.85 7.91
N SER D 69 -0.96 -36.05 8.48
CA SER D 69 0.30 -36.77 8.59
C SER D 69 0.52 -37.51 7.26
N ALA D 70 1.75 -37.94 7.04
CA ALA D 70 2.08 -38.68 5.82
C ALA D 70 1.14 -39.85 5.59
N GLU D 71 0.73 -40.54 6.66
CA GLU D 71 -0.16 -41.70 6.47
C GLU D 71 -1.61 -41.37 6.14
N GLN D 72 -1.93 -40.08 6.11
CA GLN D 72 -3.28 -39.66 5.80
C GLN D 72 -3.29 -38.89 4.46
N ASN D 73 -2.19 -39.03 3.72
CA ASN D 73 -1.99 -38.36 2.45
C ASN D 73 -2.83 -38.91 1.29
N LEU D 74 -3.95 -38.27 1.04
CA LEU D 74 -4.84 -38.68 -0.05
C LEU D 74 -4.20 -38.58 -1.45
N SER D 75 -3.03 -37.95 -1.57
CA SER D 75 -2.39 -37.79 -2.90
C SER D 75 -1.34 -38.88 -3.18
N SER D 76 -1.04 -39.65 -2.14
CA SER D 76 -0.05 -40.70 -2.19
C SER D 76 -0.10 -41.72 -3.32
N PRO D 77 1.07 -42.07 -3.86
CA PRO D 77 1.08 -43.06 -4.93
C PRO D 77 0.81 -44.47 -4.34
N ASP D 78 1.07 -44.63 -3.04
CA ASP D 78 0.85 -45.92 -2.35
C ASP D 78 -0.63 -46.12 -2.05
N PRO D 79 -1.30 -47.08 -2.73
CA PRO D 79 -2.72 -47.37 -2.54
C PRO D 79 -3.14 -47.67 -1.10
N ASP D 80 -2.22 -48.20 -0.31
CA ASP D 80 -2.55 -48.51 1.09
C ASP D 80 -2.58 -47.22 1.90
N ILE D 81 -1.70 -46.28 1.55
CA ILE D 81 -1.71 -45.01 2.23
C ILE D 81 -2.98 -44.27 1.81
N ARG D 82 -3.32 -44.32 0.53
CA ARG D 82 -4.55 -43.64 0.13
C ARG D 82 -5.74 -44.29 0.82
N LYS D 83 -5.75 -45.61 0.87
CA LYS D 83 -6.85 -46.30 1.54
C LYS D 83 -6.94 -45.86 3.02
N ASN D 84 -5.82 -45.84 3.72
CA ASN D 84 -5.88 -45.44 5.11
C ASN D 84 -6.34 -43.99 5.26
N ALA D 85 -5.93 -43.14 4.31
CA ALA D 85 -6.31 -41.73 4.34
C ALA D 85 -7.81 -41.56 4.24
N LYS D 86 -8.47 -42.32 3.36
CA LYS D 86 -9.93 -42.21 3.23
C LYS D 86 -10.66 -42.70 4.49
N ALA D 87 -10.04 -43.65 5.17
CA ALA D 87 -10.61 -44.20 6.39
C ALA D 87 -10.51 -43.14 7.50
N PHE D 88 -9.34 -42.53 7.63
CA PHE D 88 -9.12 -41.49 8.62
C PHE D 88 -10.09 -40.36 8.45
N TYR D 89 -10.30 -39.92 7.20
CA TYR D 89 -11.21 -38.81 6.94
C TYR D 89 -12.65 -39.16 7.19
N THR D 90 -13.03 -40.37 6.83
CA THR D 90 -14.40 -40.80 7.03
C THR D 90 -14.63 -40.91 8.55
N ASP D 91 -13.72 -41.52 9.30
CA ASP D 91 -13.91 -41.59 10.75
C ASP D 91 -13.90 -40.17 11.33
N LEU D 92 -12.89 -39.37 10.97
CA LEU D 92 -12.79 -37.99 11.48
C LEU D 92 -14.04 -37.17 11.19
N LEU D 93 -14.57 -37.35 9.99
CA LEU D 93 -15.73 -36.61 9.56
C LEU D 93 -17.02 -37.04 10.25
N LYS D 94 -17.15 -38.32 10.63
CA LYS D 94 -18.35 -38.74 11.33
C LYS D 94 -18.30 -38.12 12.72
N ARG D 95 -17.11 -38.10 13.33
CA ARG D 95 -16.95 -37.48 14.63
C ARG D 95 -17.32 -36.00 14.55
N LEU D 96 -16.86 -35.32 13.49
CA LEU D 96 -17.17 -33.89 13.29
C LEU D 96 -18.68 -33.67 13.28
N TYR D 97 -19.39 -34.52 12.56
CA TYR D 97 -20.82 -34.39 12.50
C TYR D 97 -21.49 -34.54 13.88
N LYS D 98 -20.91 -35.38 14.75
CA LYS D 98 -21.44 -35.59 16.10
C LYS D 98 -21.01 -34.46 17.03
N LEU D 99 -19.95 -33.76 16.64
CA LEU D 99 -19.45 -32.65 17.43
C LEU D 99 -20.23 -31.41 17.02
N ASP D 100 -20.96 -31.54 15.92
CA ASP D 100 -21.71 -30.46 15.28
C ASP D 100 -20.76 -29.38 14.68
N VAL D 101 -19.78 -29.86 13.92
CA VAL D 101 -18.81 -29.01 13.25
C VAL D 101 -19.18 -29.14 11.79
N HIS D 102 -19.20 -28.01 11.07
CA HIS D 102 -19.55 -28.04 9.65
C HIS D 102 -18.40 -27.61 8.73
N LEU D 103 -17.22 -27.45 9.27
CA LEU D 103 -16.12 -27.05 8.41
C LEU D 103 -14.77 -27.53 8.88
N ILE D 104 -14.04 -28.13 7.96
CA ILE D 104 -12.67 -28.56 8.25
C ILE D 104 -11.80 -27.94 7.14
N GLY D 105 -10.59 -27.53 7.45
CA GLY D 105 -9.72 -26.95 6.45
C GLY D 105 -8.26 -27.20 6.72
N GLY D 106 -7.47 -27.10 5.66
CA GLY D 106 -6.03 -27.30 5.77
C GLY D 106 -5.54 -27.96 4.50
N ALA D 107 -4.32 -28.50 4.50
CA ALA D 107 -3.81 -29.15 3.28
C ALA D 107 -4.43 -30.54 3.14
N LEU D 108 -5.75 -30.60 3.23
CA LEU D 108 -6.52 -31.85 3.20
C LEU D 108 -6.27 -32.74 1.99
N TYR D 109 -5.80 -32.13 0.90
CA TYR D 109 -5.54 -32.83 -0.36
C TYR D 109 -4.13 -33.39 -0.38
N SER D 110 -3.38 -33.15 0.69
CA SER D 110 -1.98 -33.58 0.74
C SER D 110 -1.59 -33.94 2.19
N TYR D 111 -0.41 -33.55 2.64
CA TYR D 111 -0.05 -33.77 4.05
C TYR D 111 0.80 -32.54 4.42
N TRP D 112 0.92 -32.27 5.71
CA TRP D 112 1.61 -31.07 6.17
C TRP D 112 2.33 -31.27 7.51
N PRO D 113 3.55 -30.78 7.63
CA PRO D 113 4.19 -30.09 6.50
C PRO D 113 4.91 -31.06 5.54
N ILE D 114 5.10 -30.65 4.29
CA ILE D 114 5.76 -31.53 3.33
C ILE D 114 7.21 -31.81 3.72
N ASP D 115 7.66 -33.05 3.50
CA ASP D 115 9.08 -33.35 3.74
C ASP D 115 9.64 -33.24 2.31
N TYR D 116 10.33 -32.14 2.00
CA TYR D 116 10.87 -31.96 0.66
C TYR D 116 12.08 -32.81 0.37
N THR D 117 12.33 -33.75 1.28
CA THR D 117 13.42 -34.69 1.20
C THR D 117 13.06 -35.80 0.23
N LYS D 118 11.80 -36.19 0.27
CA LYS D 118 11.30 -37.24 -0.58
C LYS D 118 11.24 -36.77 -2.05
N THR D 119 10.78 -37.63 -2.96
CA THR D 119 10.70 -37.24 -4.36
C THR D 119 9.27 -36.74 -4.60
N ILE D 120 9.16 -35.55 -5.18
CA ILE D 120 7.83 -35.00 -5.41
C ILE D 120 7.40 -35.31 -6.84
N ASP D 121 6.12 -35.56 -7.01
CA ASP D 121 5.57 -35.86 -8.31
C ASP D 121 4.27 -35.06 -8.39
N LYS D 122 4.39 -33.76 -8.66
CA LYS D 122 3.23 -32.88 -8.70
C LYS D 122 2.11 -33.34 -9.59
N LYS D 123 2.45 -33.75 -10.81
CA LYS D 123 1.47 -34.15 -11.78
C LYS D 123 0.65 -35.37 -11.30
N GLY D 124 1.34 -36.45 -10.93
CA GLY D 124 0.68 -37.66 -10.43
C GLY D 124 -0.05 -37.44 -9.09
N ASP D 125 0.60 -36.73 -8.15
CA ASP D 125 -0.02 -36.44 -6.85
C ASP D 125 -1.30 -35.66 -7.05
N TRP D 126 -1.25 -34.69 -7.94
CA TRP D 126 -2.40 -33.90 -8.25
C TRP D 126 -3.57 -34.76 -8.77
N GLU D 127 -3.33 -35.62 -9.74
CA GLU D 127 -4.44 -36.45 -10.23
C GLU D 127 -5.01 -37.40 -9.13
N ARG D 128 -4.12 -38.06 -8.38
CA ARG D 128 -4.57 -38.96 -7.31
C ARG D 128 -5.39 -38.17 -6.31
N SER D 129 -4.91 -36.99 -5.94
CA SER D 129 -5.59 -36.18 -4.94
C SER D 129 -6.96 -35.75 -5.39
N VAL D 130 -7.09 -35.34 -6.63
CA VAL D 130 -8.38 -34.91 -7.10
C VAL D 130 -9.35 -36.06 -6.91
N GLU D 131 -8.96 -37.26 -7.34
CA GLU D 131 -9.84 -38.42 -7.20
C GLU D 131 -10.13 -38.79 -5.76
N SER D 132 -9.10 -38.87 -4.93
CA SER D 132 -9.31 -39.20 -3.52
C SER D 132 -10.22 -38.15 -2.84
N VAL D 133 -10.07 -36.88 -3.19
CA VAL D 133 -10.85 -35.85 -2.54
C VAL D 133 -12.30 -35.92 -2.91
N ARG D 134 -12.57 -36.19 -4.18
CA ARG D 134 -13.93 -36.31 -4.66
C ARG D 134 -14.67 -37.42 -3.89
N GLU D 135 -13.98 -38.52 -3.62
CA GLU D 135 -14.58 -39.62 -2.83
C GLU D 135 -14.87 -39.16 -1.40
N VAL D 136 -13.85 -38.63 -0.76
CA VAL D 136 -13.99 -38.15 0.59
C VAL D 136 -15.12 -37.14 0.64
N ALA D 137 -15.35 -36.42 -0.47
CA ALA D 137 -16.39 -35.38 -0.56
C ALA D 137 -17.78 -35.94 -0.31
N LYS D 138 -18.01 -37.16 -0.79
CA LYS D 138 -19.29 -37.84 -0.59
C LYS D 138 -19.50 -37.98 0.95
N VAL D 139 -18.47 -38.43 1.66
CA VAL D 139 -18.59 -38.58 3.10
C VAL D 139 -18.78 -37.24 3.80
N ALA D 140 -18.05 -36.22 3.33
CA ALA D 140 -18.15 -34.89 3.91
C ALA D 140 -19.57 -34.36 3.70
N GLU D 141 -20.11 -34.60 2.51
CA GLU D 141 -21.44 -34.13 2.23
C GLU D 141 -22.40 -34.79 3.19
N ALA D 142 -22.23 -36.10 3.39
CA ALA D 142 -23.08 -36.83 4.31
C ALA D 142 -23.04 -36.23 5.72
N CYS D 143 -21.85 -36.07 6.28
CA CYS D 143 -21.73 -35.50 7.61
C CYS D 143 -22.00 -33.98 7.64
N GLY D 144 -22.55 -33.43 6.56
CA GLY D 144 -22.83 -31.98 6.50
C GLY D 144 -21.60 -31.10 6.79
N VAL D 145 -20.46 -31.47 6.23
CA VAL D 145 -19.23 -30.71 6.47
C VAL D 145 -18.66 -30.13 5.19
N ASP D 146 -18.06 -28.94 5.31
CA ASP D 146 -17.42 -28.30 4.16
C ASP D 146 -15.96 -28.62 4.17
N PHE D 147 -15.54 -29.40 3.20
CA PHE D 147 -14.15 -29.84 3.06
C PHE D 147 -13.36 -28.72 2.37
N CYS D 148 -12.66 -27.92 3.18
CA CYS D 148 -11.93 -26.75 2.68
C CYS D 148 -10.43 -26.96 2.42
N LEU D 149 -10.07 -26.76 1.15
CA LEU D 149 -8.69 -26.95 0.68
C LEU D 149 -7.92 -25.65 0.80
N GLU D 150 -6.98 -25.61 1.71
CA GLU D 150 -6.23 -24.38 1.93
C GLU D 150 -5.02 -24.21 1.01
N VAL D 151 -4.97 -23.08 0.30
CA VAL D 151 -3.85 -22.73 -0.57
C VAL D 151 -2.67 -22.33 0.34
N LEU D 152 -1.50 -22.96 0.15
CA LEU D 152 -0.32 -22.72 0.99
C LEU D 152 0.90 -22.24 0.18
N ASN D 153 1.85 -21.60 0.85
CA ASN D 153 3.02 -21.09 0.18
C ASN D 153 3.91 -22.28 -0.19
N ARG D 154 4.80 -22.05 -1.15
CA ARG D 154 5.67 -23.10 -1.71
C ARG D 154 6.50 -23.91 -0.72
N PHE D 155 6.76 -23.35 0.46
CA PHE D 155 7.62 -24.01 1.44
C PHE D 155 6.88 -25.03 2.27
N GLU D 156 5.56 -24.93 2.26
CA GLU D 156 4.80 -25.82 3.07
C GLU D 156 4.03 -26.80 2.21
N ASN D 157 4.02 -26.60 0.90
CA ASN D 157 3.25 -27.50 0.02
C ASN D 157 3.56 -27.12 -1.44
N TYR D 158 3.50 -28.10 -2.36
CA TYR D 158 3.82 -27.82 -3.77
C TYR D 158 2.62 -28.00 -4.71
N LEU D 159 1.52 -28.57 -4.24
CA LEU D 159 0.36 -28.80 -5.11
C LEU D 159 -0.48 -27.59 -5.42
N ILE D 160 -0.86 -26.85 -4.39
CA ILE D 160 -1.71 -25.70 -4.56
C ILE D 160 -1.10 -24.50 -3.83
N ASN D 161 -0.56 -23.54 -4.59
CA ASN D 161 0.12 -22.37 -4.06
C ASN D 161 -0.56 -21.04 -4.37
N THR D 162 -1.47 -20.99 -5.31
CA THR D 162 -2.14 -19.74 -5.61
C THR D 162 -3.66 -19.98 -5.61
N ALA D 163 -4.43 -18.90 -5.53
CA ALA D 163 -5.89 -19.02 -5.50
C ALA D 163 -6.30 -19.65 -6.80
N GLN D 164 -5.65 -19.25 -7.88
CA GLN D 164 -5.98 -19.81 -9.19
C GLN D 164 -5.77 -21.33 -9.22
N GLU D 165 -4.66 -21.83 -8.66
CA GLU D 165 -4.42 -23.29 -8.63
C GLU D 165 -5.51 -23.93 -7.74
N GLY D 166 -5.86 -23.22 -6.64
CA GLY D 166 -6.90 -23.76 -5.76
C GLY D 166 -8.23 -23.88 -6.45
N VAL D 167 -8.65 -22.83 -7.16
CA VAL D 167 -9.92 -22.92 -7.89
C VAL D 167 -9.85 -24.03 -8.95
N ASP D 168 -8.74 -24.14 -9.67
CA ASP D 168 -8.61 -25.21 -10.69
C ASP D 168 -8.76 -26.59 -10.05
N PHE D 169 -8.13 -26.82 -8.93
CA PHE D 169 -8.23 -28.12 -8.28
C PHE D 169 -9.71 -28.39 -7.88
N VAL D 170 -10.30 -27.43 -7.17
CA VAL D 170 -11.68 -27.58 -6.73
C VAL D 170 -12.67 -27.77 -7.88
N LYS D 171 -12.46 -27.08 -9.00
CA LYS D 171 -13.37 -27.27 -10.11
C LYS D 171 -13.21 -28.67 -10.71
N GLN D 172 -12.00 -29.20 -10.64
CA GLN D 172 -11.72 -30.51 -11.17
C GLN D 172 -12.41 -31.57 -10.29
N VAL D 173 -12.36 -31.35 -8.98
CA VAL D 173 -13.00 -32.26 -8.02
C VAL D 173 -14.46 -32.30 -8.36
N ASP D 174 -14.99 -31.15 -8.74
CA ASP D 174 -16.38 -30.99 -9.14
C ASP D 174 -17.34 -31.57 -8.13
N HIS D 175 -17.29 -31.07 -6.91
CA HIS D 175 -18.20 -31.55 -5.87
C HIS D 175 -18.57 -30.46 -4.89
N ASN D 176 -19.86 -30.45 -4.61
CA ASN D 176 -20.52 -29.50 -3.74
C ASN D 176 -19.92 -29.16 -2.39
N ASN D 177 -19.41 -30.15 -1.68
CA ASN D 177 -18.84 -29.86 -0.35
C ASN D 177 -17.34 -29.54 -0.29
N VAL D 178 -16.73 -29.27 -1.44
CA VAL D 178 -15.29 -28.97 -1.47
C VAL D 178 -15.11 -27.50 -1.87
N LYS D 179 -14.37 -26.78 -1.03
CA LYS D 179 -14.17 -25.37 -1.21
C LYS D 179 -12.71 -25.01 -1.26
N VAL D 180 -12.48 -23.75 -1.66
CA VAL D 180 -11.15 -23.23 -1.66
C VAL D 180 -11.04 -22.47 -0.34
N MET D 181 -9.86 -22.46 0.25
CA MET D 181 -9.63 -21.74 1.49
C MET D 181 -8.36 -20.91 1.30
N LEU D 182 -8.40 -19.64 1.73
CA LEU D 182 -7.25 -18.71 1.61
C LEU D 182 -6.70 -18.28 2.99
N ASP D 183 -5.44 -17.86 3.02
CA ASP D 183 -4.82 -17.48 4.26
C ASP D 183 -3.94 -16.27 3.95
N THR D 184 -4.15 -15.18 4.67
CA THR D 184 -3.36 -13.99 4.36
C THR D 184 -1.88 -14.21 4.45
N PHE D 185 -1.41 -15.09 5.34
CA PHE D 185 0.04 -15.35 5.46
C PHE D 185 0.62 -15.96 4.15
N HIS D 186 -0.11 -16.94 3.61
CA HIS D 186 0.27 -17.65 2.40
C HIS D 186 0.07 -16.80 1.14
N MET D 187 -1.07 -16.11 1.01
CA MET D 187 -1.33 -15.18 -0.10
C MET D 187 -0.23 -14.11 -0.15
N ASN D 188 0.20 -13.65 1.03
CA ASN D 188 1.21 -12.61 1.07
C ASN D 188 2.50 -13.02 0.33
N ILE D 189 2.83 -14.30 0.37
CA ILE D 189 4.01 -14.82 -0.31
C ILE D 189 3.71 -15.05 -1.80
N GLU D 190 2.78 -15.95 -2.13
CA GLU D 190 2.54 -16.33 -3.52
C GLU D 190 1.77 -15.51 -4.52
N GLU D 191 0.92 -14.59 -4.08
CA GLU D 191 0.03 -13.91 -5.04
C GLU D 191 0.50 -12.62 -5.67
N ASP D 192 0.07 -12.38 -6.90
CA ASP D 192 0.38 -11.09 -7.46
C ASP D 192 -0.51 -10.02 -6.77
N SER D 193 -1.77 -10.39 -6.52
CA SER D 193 -2.75 -9.49 -5.96
C SER D 193 -3.57 -10.16 -4.84
N ILE D 194 -3.64 -9.51 -3.69
CA ILE D 194 -4.38 -10.08 -2.56
C ILE D 194 -5.89 -10.00 -2.92
N GLY D 195 -6.34 -8.80 -3.29
CA GLY D 195 -7.74 -8.58 -3.67
C GLY D 195 -8.05 -9.44 -4.88
N GLY D 196 -7.10 -9.54 -5.79
CA GLY D 196 -7.31 -10.35 -6.98
C GLY D 196 -7.45 -11.82 -6.68
N ALA D 197 -6.70 -12.34 -5.71
CA ALA D 197 -6.82 -13.76 -5.40
C ALA D 197 -8.19 -14.08 -4.79
N ILE D 198 -8.64 -13.21 -3.90
CA ILE D 198 -9.93 -13.40 -3.27
C ILE D 198 -11.03 -13.38 -4.34
N ARG D 199 -10.95 -12.44 -5.29
CA ARG D 199 -11.97 -12.37 -6.32
C ARG D 199 -11.88 -13.61 -7.21
N THR D 200 -10.68 -14.16 -7.40
CA THR D 200 -10.54 -15.36 -8.21
C THR D 200 -11.22 -16.52 -7.47
N ALA D 201 -10.99 -16.62 -6.15
CA ALA D 201 -11.65 -17.68 -5.40
C ALA D 201 -13.21 -17.54 -5.56
N GLY D 202 -13.70 -16.30 -5.48
CA GLY D 202 -15.12 -16.02 -5.69
C GLY D 202 -16.06 -16.87 -4.87
N SER D 203 -17.04 -17.48 -5.51
CA SER D 203 -17.97 -18.32 -4.76
C SER D 203 -17.36 -19.60 -4.22
N TYR D 204 -16.17 -19.99 -4.70
CA TYR D 204 -15.57 -21.20 -4.15
C TYR D 204 -14.92 -20.97 -2.79
N LEU D 205 -14.76 -19.72 -2.39
CA LEU D 205 -14.11 -19.45 -1.10
C LEU D 205 -14.99 -19.88 0.08
N GLY D 206 -14.51 -20.85 0.86
CA GLY D 206 -15.26 -21.33 2.00
C GLY D 206 -14.66 -21.01 3.37
N HIS D 207 -13.46 -20.49 3.45
CA HIS D 207 -12.92 -20.23 4.78
C HIS D 207 -11.71 -19.31 4.62
N LEU D 208 -11.45 -18.47 5.61
CA LEU D 208 -10.33 -17.55 5.52
C LEU D 208 -9.53 -17.49 6.80
N HIS D 209 -8.23 -17.61 6.69
CA HIS D 209 -7.36 -17.52 7.84
C HIS D 209 -6.66 -16.19 7.72
N THR D 210 -6.44 -15.51 8.86
CA THR D 210 -5.79 -14.20 8.85
C THR D 210 -4.62 -14.20 9.76
N GLY D 211 -3.69 -13.32 9.47
CA GLY D 211 -2.48 -13.18 10.25
C GLY D 211 -1.60 -12.22 9.48
N GLU D 212 -0.68 -11.58 10.17
CA GLU D 212 0.22 -10.67 9.49
C GLU D 212 1.26 -11.46 8.70
N CYS D 213 2.07 -10.74 7.94
CA CYS D 213 3.12 -11.34 7.13
C CYS D 213 3.97 -12.30 7.94
N ASN D 214 4.30 -11.94 9.19
CA ASN D 214 5.13 -12.82 10.02
C ASN D 214 4.33 -13.57 11.09
N ARG D 215 3.03 -13.60 10.88
CA ARG D 215 2.12 -14.34 11.69
C ARG D 215 1.64 -13.74 13.01
N LYS D 216 1.88 -12.45 13.21
CA LYS D 216 1.42 -11.75 14.40
C LYS D 216 -0.09 -11.62 14.24
N VAL D 217 -0.81 -11.20 15.28
CA VAL D 217 -2.26 -11.07 15.11
C VAL D 217 -2.49 -9.93 14.10
N PRO D 218 -3.66 -9.92 13.48
CA PRO D 218 -4.00 -8.88 12.50
C PRO D 218 -3.96 -7.42 12.99
N GLY D 219 -3.37 -6.54 12.18
CA GLY D 219 -3.44 -5.14 12.54
C GLY D 219 -2.34 -4.15 12.41
N ARG D 220 -1.16 -4.47 12.93
CA ARG D 220 -0.09 -3.52 12.92
C ARG D 220 1.05 -3.89 12.00
N GLY D 221 0.82 -4.86 11.11
CA GLY D 221 1.86 -5.26 10.16
C GLY D 221 1.56 -4.71 8.77
N ARG D 222 1.98 -5.42 7.72
CA ARG D 222 1.81 -4.95 6.35
C ARG D 222 0.69 -5.55 5.47
N ILE D 223 -0.08 -6.48 6.01
CA ILE D 223 -1.16 -7.07 5.24
C ILE D 223 -2.16 -5.95 4.87
N PRO D 224 -2.68 -5.95 3.62
CA PRO D 224 -3.64 -4.94 3.13
C PRO D 224 -5.09 -5.27 3.55
N TRP D 225 -5.37 -5.09 4.83
CA TRP D 225 -6.70 -5.47 5.33
C TRP D 225 -7.87 -4.79 4.67
N VAL D 226 -7.77 -3.51 4.39
CA VAL D 226 -8.88 -2.83 3.73
C VAL D 226 -9.18 -3.50 2.37
N GLU D 227 -8.13 -3.73 1.58
CA GLU D 227 -8.28 -4.38 0.28
C GLU D 227 -8.91 -5.75 0.47
N ILE D 228 -8.54 -6.46 1.54
CA ILE D 228 -9.18 -7.76 1.76
C ILE D 228 -10.67 -7.51 2.06
N GLY D 229 -10.95 -6.60 2.99
CA GLY D 229 -12.36 -6.34 3.25
C GLY D 229 -13.14 -6.02 1.99
N GLU D 230 -12.60 -5.14 1.13
CA GLU D 230 -13.30 -4.76 -0.11
C GLU D 230 -13.51 -5.94 -1.04
N ALA D 231 -12.50 -6.80 -1.16
CA ALA D 231 -12.61 -7.98 -2.05
C ALA D 231 -13.65 -8.98 -1.49
N LEU D 232 -13.69 -9.17 -0.17
CA LEU D 232 -14.71 -10.10 0.41
C LEU D 232 -16.13 -9.53 0.09
N ALA D 233 -16.27 -8.21 0.11
CA ALA D 233 -17.55 -7.60 -0.23
C ALA D 233 -17.77 -7.84 -1.71
N ASP D 234 -16.74 -7.70 -2.56
CA ASP D 234 -16.93 -7.97 -3.99
C ASP D 234 -17.49 -9.38 -4.26
N ILE D 235 -17.01 -10.39 -3.53
CA ILE D 235 -17.49 -11.74 -3.79
C ILE D 235 -18.67 -12.08 -2.86
N GLY D 236 -19.00 -11.17 -1.96
CA GLY D 236 -20.10 -11.39 -1.07
C GLY D 236 -19.79 -12.48 -0.07
N TYR D 237 -18.55 -12.55 0.39
CA TYR D 237 -18.17 -13.59 1.33
C TYR D 237 -19.08 -13.59 2.55
N ASN D 238 -19.53 -14.77 2.93
CA ASN D 238 -20.44 -14.91 4.07
C ASN D 238 -19.94 -16.12 4.88
N GLY D 239 -18.63 -16.30 4.92
CA GLY D 239 -18.10 -17.40 5.69
C GLY D 239 -17.49 -16.81 6.94
N SER D 240 -16.63 -17.58 7.58
CA SER D 240 -16.00 -17.14 8.79
C SER D 240 -14.60 -16.64 8.47
N VAL D 241 -14.00 -15.93 9.43
CA VAL D 241 -12.68 -15.41 9.27
C VAL D 241 -12.01 -15.80 10.55
N VAL D 242 -11.01 -16.68 10.48
CA VAL D 242 -10.30 -17.13 11.65
C VAL D 242 -8.85 -16.67 11.72
N MET D 243 -8.49 -15.92 12.77
CA MET D 243 -7.09 -15.52 12.89
C MET D 243 -6.28 -16.72 13.39
N GLU D 244 -5.06 -16.82 12.89
CA GLU D 244 -4.16 -17.92 13.20
C GLU D 244 -2.79 -17.33 13.54
N PRO D 245 -2.70 -16.64 14.67
CA PRO D 245 -1.40 -16.06 15.01
C PRO D 245 -0.48 -17.11 15.63
N PHE D 246 0.79 -17.01 15.35
CA PHE D 246 1.75 -17.94 15.91
C PHE D 246 2.92 -17.04 16.32
N VAL D 247 3.02 -16.74 17.60
CA VAL D 247 4.06 -15.83 18.05
C VAL D 247 4.99 -16.45 19.09
N ARG D 248 4.85 -17.75 19.33
CA ARG D 248 5.68 -18.42 20.33
C ARG D 248 6.59 -19.56 19.86
N MET D 249 7.81 -19.57 20.40
CA MET D 249 8.79 -20.63 20.08
C MET D 249 8.46 -21.92 20.81
N GLY D 250 9.14 -23.00 20.40
CA GLY D 250 8.96 -24.30 21.06
C GLY D 250 7.82 -25.23 20.72
N GLY D 251 8.03 -26.52 21.00
CA GLY D 251 7.03 -27.53 20.75
C GLY D 251 6.92 -27.91 19.27
N THR D 252 5.94 -28.75 18.97
CA THR D 252 5.71 -29.18 17.60
C THR D 252 5.12 -27.98 16.81
N VAL D 253 4.38 -27.12 17.49
CA VAL D 253 3.77 -25.99 16.82
C VAL D 253 4.88 -25.05 16.37
N GLY D 254 5.78 -24.70 17.27
CA GLY D 254 6.87 -23.81 16.94
C GLY D 254 7.79 -24.36 15.85
N SER D 255 8.02 -25.67 15.90
CA SER D 255 8.88 -26.29 14.95
C SER D 255 8.18 -26.41 13.59
N ASN D 256 6.89 -26.76 13.57
CA ASN D 256 6.17 -26.91 12.30
C ASN D 256 5.95 -25.54 11.62
N ILE D 257 5.62 -24.52 12.42
CA ILE D 257 5.37 -23.16 11.94
C ILE D 257 6.67 -22.43 11.69
N LYS D 258 7.74 -22.92 12.32
CA LYS D 258 9.06 -22.34 12.13
C LYS D 258 9.26 -20.95 12.79
N VAL D 259 8.91 -20.89 14.07
CA VAL D 259 9.08 -19.68 14.90
C VAL D 259 10.41 -19.86 15.58
N TRP D 260 11.43 -19.17 15.09
CA TRP D 260 12.80 -19.32 15.63
C TRP D 260 13.28 -18.15 16.50
N ARG D 261 12.35 -17.29 16.86
CA ARG D 261 12.64 -16.13 17.70
C ARG D 261 11.34 -15.86 18.45
N ASP D 262 11.44 -15.18 19.60
CA ASP D 262 10.24 -14.90 20.37
C ASP D 262 9.44 -13.71 19.83
N ILE D 263 8.62 -13.97 18.83
CA ILE D 263 7.82 -12.95 18.19
C ILE D 263 6.82 -12.30 19.14
N SER D 264 6.40 -13.03 20.20
CA SER D 264 5.43 -12.51 21.17
C SER D 264 6.07 -11.44 22.01
N ASN D 265 7.39 -11.37 21.96
CA ASN D 265 8.15 -10.40 22.73
C ASN D 265 7.85 -10.56 24.23
N GLY D 266 7.92 -11.79 24.71
CA GLY D 266 7.70 -12.07 26.11
C GLY D 266 6.30 -11.97 26.68
N ALA D 267 5.29 -11.96 25.83
CA ALA D 267 3.92 -11.88 26.31
C ALA D 267 3.55 -13.02 27.24
N ASP D 268 2.72 -12.74 28.26
CA ASP D 268 2.22 -13.78 29.17
C ASP D 268 0.82 -14.09 28.66
N GLU D 269 0.12 -15.03 29.26
CA GLU D 269 -1.19 -15.35 28.74
C GLU D 269 -2.18 -14.20 28.65
N LYS D 270 -2.10 -13.27 29.61
CA LYS D 270 -3.01 -12.11 29.67
C LYS D 270 -2.71 -11.14 28.54
N MET D 271 -1.42 -10.90 28.31
CA MET D 271 -0.96 -10.05 27.23
C MET D 271 -1.41 -10.70 25.89
N LEU D 272 -1.26 -12.02 25.76
CA LEU D 272 -1.69 -12.68 24.52
C LEU D 272 -3.17 -12.47 24.35
N ASP D 273 -3.90 -12.57 25.47
CA ASP D 273 -5.36 -12.38 25.47
C ASP D 273 -5.77 -11.00 24.97
N ARG D 274 -5.09 -9.97 25.49
CA ARG D 274 -5.39 -8.58 25.12
C ARG D 274 -5.16 -8.29 23.62
N GLU D 275 -4.04 -8.76 23.09
CA GLU D 275 -3.72 -8.54 21.69
C GLU D 275 -4.69 -9.21 20.78
N ALA D 276 -5.07 -10.42 21.11
CA ALA D 276 -6.01 -11.12 20.28
C ALA D 276 -7.34 -10.39 20.29
N GLN D 277 -7.70 -9.84 21.46
CA GLN D 277 -8.99 -9.14 21.57
C GLN D 277 -8.95 -7.84 20.74
N ALA D 278 -7.87 -7.10 20.88
CA ALA D 278 -7.72 -5.89 20.07
C ALA D 278 -7.75 -6.28 18.58
N ALA D 279 -7.09 -7.37 18.17
CA ALA D 279 -7.07 -7.76 16.74
C ALA D 279 -8.43 -8.12 16.26
N LEU D 280 -9.25 -8.64 17.17
CA LEU D 280 -10.61 -9.02 16.89
C LEU D 280 -11.45 -7.77 16.61
N ASP D 281 -11.31 -6.76 17.48
CA ASP D 281 -12.07 -5.52 17.24
C ASP D 281 -11.64 -4.97 15.86
N PHE D 282 -10.32 -4.95 15.63
CA PHE D 282 -9.76 -4.45 14.38
C PHE D 282 -10.34 -5.16 13.17
N SER D 283 -10.36 -6.49 13.23
CA SER D 283 -10.85 -7.30 12.11
C SER D 283 -12.30 -7.08 11.84
N ARG D 284 -13.12 -7.02 12.90
CA ARG D 284 -14.55 -6.78 12.66
C ARG D 284 -14.74 -5.38 12.05
N TYR D 285 -13.97 -4.43 12.52
CA TYR D 285 -14.09 -3.07 12.03
C TYR D 285 -13.66 -2.90 10.57
N VAL D 286 -12.41 -3.26 10.30
CA VAL D 286 -11.84 -3.10 8.96
C VAL D 286 -12.41 -4.00 7.89
N LEU D 287 -12.61 -5.28 8.22
CA LEU D 287 -13.10 -6.24 7.25
C LEU D 287 -14.54 -6.24 6.82
N GLU D 288 -15.46 -5.76 7.64
CA GLU D 288 -16.88 -5.86 7.26
C GLU D 288 -17.51 -4.74 6.44
#